data_8H8Y
#
_entry.id   8H8Y
#
_cell.length_a   60.887
_cell.length_b   62.407
_cell.length_c   71.415
_cell.angle_alpha   69.240
_cell.angle_beta   82.880
_cell.angle_gamma   62.190
#
_symmetry.space_group_name_H-M   'P 1'
#
loop_
_entity.id
_entity.type
_entity.pdbx_description
1 polymer 'alpha/beta hydrolase'
2 non-polymer GLYCEROL
3 water water
#
_entity_poly.entity_id   1
_entity_poly.type   'polypeptide(L)'
_entity_poly.pdbx_seq_one_letter_code
;MSNRPVALVSDTRYYVGPDLARRFAEKGFDLVLGDPSPNLVSELESMGARIVPVTGHSDLSSPESAQAQADAALSAFGRL
DSAVMFSGQIVTGRFVNSTIDQLRQVFVGCVEAPYNFMRAVVPVMTEREAGQILIITSASGARPTPGAPLYSSVRAAATM
LVKNVADEVARTGVQVNAVGTNFMDFPAFLKASGANDPEVRAKIESQVPMRRLGTMEEFSAFCMAFLDGSSRFTTGQFVA
YAGGWA
;
_entity_poly.pdbx_strand_id   A,B,C,D
#
loop_
_chem_comp.id
_chem_comp.type
_chem_comp.name
_chem_comp.formula
GOL non-polymer GLYCEROL 'C3 H8 O3'
#
# COMPACT_ATOMS: atom_id res chain seq x y z
N MET A 1 30.31 -29.86 4.49
CA MET A 1 29.87 -28.53 3.97
C MET A 1 30.91 -27.91 3.03
N SER A 2 30.49 -27.56 1.82
CA SER A 2 31.30 -26.96 0.74
C SER A 2 31.64 -25.49 1.06
N ASN A 3 32.78 -25.00 0.58
CA ASN A 3 33.28 -23.64 0.93
C ASN A 3 32.55 -22.56 0.10
N ARG A 4 32.18 -22.80 -1.16
CA ARG A 4 31.54 -21.79 -2.05
C ARG A 4 30.05 -21.76 -1.76
N PRO A 5 29.39 -20.58 -1.80
CA PRO A 5 27.94 -20.50 -1.59
C PRO A 5 27.19 -21.19 -2.73
N VAL A 6 25.98 -21.68 -2.44
CA VAL A 6 25.17 -22.51 -3.38
C VAL A 6 23.84 -21.80 -3.61
N ALA A 7 23.47 -21.70 -4.86
CA ALA A 7 22.16 -21.12 -5.23
C ALA A 7 21.34 -22.22 -5.93
N LEU A 8 20.04 -22.21 -5.65
CA LEU A 8 19.04 -23.04 -6.36
C LEU A 8 18.23 -22.12 -7.26
N VAL A 9 18.26 -22.37 -8.56
CA VAL A 9 17.37 -21.72 -9.53
C VAL A 9 16.36 -22.79 -9.97
N SER A 10 15.10 -22.64 -9.62
CA SER A 10 14.11 -23.74 -9.69
C SER A 10 13.85 -24.18 -11.13
N ASP A 11 13.97 -23.29 -12.09
CA ASP A 11 13.61 -23.54 -13.50
C ASP A 11 14.51 -22.71 -14.39
N THR A 12 15.34 -23.38 -15.18
CA THR A 12 16.20 -22.70 -16.18
C THR A 12 15.67 -22.95 -17.60
N ARG A 13 14.43 -23.40 -17.74
CA ARG A 13 13.91 -23.71 -19.10
C ARG A 13 13.46 -22.44 -19.80
N TYR A 14 13.09 -21.40 -19.06
CA TYR A 14 12.42 -20.23 -19.65
C TYR A 14 12.64 -18.97 -18.82
N TYR A 15 12.20 -17.85 -19.36
CA TYR A 15 12.10 -16.57 -18.61
C TYR A 15 13.49 -16.18 -18.12
N VAL A 16 13.60 -15.79 -16.85
CA VAL A 16 14.87 -15.25 -16.29
C VAL A 16 15.78 -16.36 -15.76
N GLY A 17 15.37 -17.63 -15.80
CA GLY A 17 16.10 -18.73 -15.17
C GLY A 17 17.54 -18.80 -15.64
N PRO A 18 17.80 -18.93 -16.96
CA PRO A 18 19.17 -19.06 -17.43
C PRO A 18 20.02 -17.85 -16.99
N ASP A 19 19.45 -16.65 -17.09
CA ASP A 19 20.16 -15.40 -16.74
C ASP A 19 20.47 -15.38 -15.23
N LEU A 20 19.53 -15.79 -14.37
CA LEU A 20 19.83 -15.91 -12.93
C LEU A 20 21.05 -16.81 -12.72
N ALA A 21 21.09 -17.95 -13.41
CA ALA A 21 22.22 -18.91 -13.21
C ALA A 21 23.54 -18.23 -13.61
N ARG A 22 23.52 -17.49 -14.71
CA ARG A 22 24.75 -16.79 -15.16
C ARG A 22 25.19 -15.76 -14.11
N ARG A 23 24.26 -14.95 -13.60
CA ARG A 23 24.59 -13.93 -12.57
C ARG A 23 25.19 -14.64 -11.37
N PHE A 24 24.61 -15.74 -10.91
CA PHE A 24 25.14 -16.48 -9.74
C PHE A 24 26.56 -16.96 -10.01
N ALA A 25 26.81 -17.48 -11.23
CA ALA A 25 28.14 -18.04 -11.56
C ALA A 25 29.17 -16.89 -11.54
N GLU A 26 28.77 -15.74 -12.01
CA GLU A 26 29.62 -14.52 -11.98
C GLU A 26 29.91 -14.10 -10.54
N LYS A 27 29.04 -14.41 -9.59
CA LYS A 27 29.19 -14.03 -8.16
C LYS A 27 29.94 -15.12 -7.39
N GLY A 28 30.43 -16.17 -8.06
CA GLY A 28 31.23 -17.25 -7.43
C GLY A 28 30.36 -18.24 -6.66
N PHE A 29 29.12 -18.45 -7.11
CA PHE A 29 28.21 -19.48 -6.54
C PHE A 29 28.36 -20.81 -7.31
N ASP A 30 28.19 -21.91 -6.62
CA ASP A 30 27.86 -23.20 -7.25
C ASP A 30 26.33 -23.25 -7.40
N LEU A 31 25.83 -24.12 -8.27
CA LEU A 31 24.41 -24.06 -8.70
C LEU A 31 23.70 -25.42 -8.70
N VAL A 32 22.46 -25.40 -8.24
CA VAL A 32 21.43 -26.47 -8.46
C VAL A 32 20.40 -25.85 -9.37
N LEU A 33 20.16 -26.44 -10.56
CA LEU A 33 19.37 -25.85 -11.64
C LEU A 33 18.26 -26.82 -12.03
N GLY A 34 17.05 -26.31 -12.19
CA GLY A 34 15.97 -27.11 -12.78
C GLY A 34 16.10 -27.20 -14.29
N ASP A 35 16.27 -28.41 -14.79
CA ASP A 35 16.16 -28.75 -16.24
C ASP A 35 17.00 -27.83 -17.12
N PRO A 36 18.30 -27.64 -16.81
CA PRO A 36 19.16 -26.84 -17.69
C PRO A 36 19.48 -27.56 -19.01
N SER A 37 19.59 -26.79 -20.09
CA SER A 37 20.17 -27.32 -21.37
C SER A 37 21.64 -27.71 -21.14
N PRO A 38 22.16 -28.71 -21.90
CA PRO A 38 23.60 -29.04 -21.84
C PRO A 38 24.46 -27.81 -22.19
N ASN A 39 23.95 -26.95 -23.08
CA ASN A 39 24.64 -25.70 -23.49
C ASN A 39 24.83 -24.81 -22.26
N LEU A 40 23.76 -24.63 -21.48
CA LEU A 40 23.85 -23.77 -20.28
C LEU A 40 24.77 -24.40 -19.25
N VAL A 41 24.71 -25.71 -19.03
CA VAL A 41 25.56 -26.39 -18.01
C VAL A 41 27.04 -26.14 -18.40
N SER A 42 27.36 -26.35 -19.66
CA SER A 42 28.75 -26.19 -20.17
C SER A 42 29.19 -24.73 -20.00
N GLU A 43 28.32 -23.79 -20.32
CA GLU A 43 28.62 -22.35 -20.21
C GLU A 43 28.98 -22.02 -18.76
N LEU A 44 28.16 -22.45 -17.80
CA LEU A 44 28.37 -22.10 -16.37
C LEU A 44 29.62 -22.82 -15.85
N GLU A 45 29.89 -24.03 -16.34
CA GLU A 45 31.07 -24.82 -15.90
C GLU A 45 32.32 -24.07 -16.37
N SER A 46 32.26 -23.46 -17.55
CA SER A 46 33.38 -22.68 -18.10
C SER A 46 33.62 -21.47 -17.20
N MET A 47 32.61 -21.02 -16.44
CA MET A 47 32.72 -19.84 -15.53
C MET A 47 33.21 -20.28 -14.15
N GLY A 48 33.49 -21.57 -13.97
CA GLY A 48 34.09 -22.08 -12.72
C GLY A 48 33.06 -22.51 -11.69
N ALA A 49 31.80 -22.70 -12.10
CA ALA A 49 30.72 -23.17 -11.21
C ALA A 49 30.54 -24.68 -11.34
N ARG A 50 30.35 -25.35 -10.20
CA ARG A 50 29.92 -26.77 -10.13
C ARG A 50 28.41 -26.79 -10.29
N ILE A 51 27.88 -27.55 -11.26
CA ILE A 51 26.44 -27.52 -11.64
C ILE A 51 25.80 -28.87 -11.31
N VAL A 52 24.68 -28.85 -10.58
CA VAL A 52 23.90 -30.06 -10.24
C VAL A 52 22.54 -29.89 -10.91
N PRO A 53 22.27 -30.54 -12.07
CA PRO A 53 20.96 -30.49 -12.69
C PRO A 53 19.95 -31.35 -11.93
N VAL A 54 18.73 -30.82 -11.81
CA VAL A 54 17.56 -31.54 -11.27
C VAL A 54 16.53 -31.60 -12.39
N THR A 55 16.11 -32.81 -12.78
CA THR A 55 15.26 -33.10 -13.94
C THR A 55 13.82 -33.37 -13.51
N GLY A 56 12.90 -32.64 -14.09
CA GLY A 56 11.46 -32.96 -14.07
C GLY A 56 10.74 -32.39 -12.87
N HIS A 57 11.41 -31.61 -12.02
CA HIS A 57 10.82 -31.07 -10.76
C HIS A 57 10.55 -29.57 -10.89
N SER A 58 10.78 -28.98 -12.04
CA SER A 58 10.85 -27.50 -12.21
C SER A 58 9.47 -26.87 -12.12
N ASP A 59 8.38 -27.62 -12.25
CA ASP A 59 7.03 -27.03 -12.10
C ASP A 59 6.66 -26.89 -10.63
N LEU A 60 7.43 -27.47 -9.72
CA LEU A 60 7.14 -27.41 -8.26
C LEU A 60 5.66 -27.77 -8.04
N SER A 61 5.17 -28.81 -8.68
CA SER A 61 3.73 -29.18 -8.69
C SER A 61 3.36 -29.98 -7.45
N SER A 62 4.31 -30.28 -6.57
CA SER A 62 4.10 -31.02 -5.31
C SER A 62 5.12 -30.58 -4.29
N PRO A 63 4.85 -30.80 -3.00
CA PRO A 63 5.87 -30.65 -1.96
C PRO A 63 7.13 -31.49 -2.28
N GLU A 64 6.91 -32.69 -2.79
CA GLU A 64 8.02 -33.63 -3.10
C GLU A 64 8.97 -33.00 -4.13
N SER A 65 8.47 -32.30 -5.14
CA SER A 65 9.34 -31.69 -6.19
C SER A 65 10.20 -30.59 -5.57
N ALA A 66 9.60 -29.74 -4.73
CA ALA A 66 10.35 -28.67 -4.05
C ALA A 66 11.40 -29.32 -3.14
N GLN A 67 11.02 -30.39 -2.43
CA GLN A 67 11.96 -31.08 -1.53
C GLN A 67 13.10 -31.71 -2.34
N ALA A 68 12.81 -32.26 -3.52
CA ALA A 68 13.85 -32.87 -4.37
C ALA A 68 14.90 -31.83 -4.76
N GLN A 69 14.48 -30.61 -5.11
CA GLN A 69 15.43 -29.53 -5.46
C GLN A 69 16.27 -29.14 -4.23
N ALA A 70 15.66 -28.97 -3.06
CA ALA A 70 16.36 -28.60 -1.81
C ALA A 70 17.35 -29.72 -1.44
N ASP A 71 16.91 -30.97 -1.56
CA ASP A 71 17.71 -32.15 -1.15
C ASP A 71 18.92 -32.27 -2.08
N ALA A 72 18.78 -31.94 -3.37
CA ALA A 72 19.90 -31.98 -4.34
C ALA A 72 21.03 -31.06 -3.88
N ALA A 73 20.68 -29.87 -3.40
CA ALA A 73 21.68 -28.93 -2.85
C ALA A 73 22.36 -29.54 -1.65
N LEU A 74 21.61 -30.04 -0.67
CA LEU A 74 22.19 -30.53 0.59
C LEU A 74 23.07 -31.74 0.26
N SER A 75 22.64 -32.61 -0.65
CA SER A 75 23.41 -33.83 -1.01
C SER A 75 24.76 -33.43 -1.63
N ALA A 76 24.74 -32.58 -2.64
CA ALA A 76 25.96 -32.25 -3.41
C ALA A 76 26.89 -31.35 -2.59
N PHE A 77 26.35 -30.37 -1.87
CA PHE A 77 27.17 -29.26 -1.32
C PHE A 77 27.07 -29.15 0.20
N GLY A 78 26.05 -29.73 0.82
CA GLY A 78 25.81 -29.65 2.27
C GLY A 78 25.40 -28.25 2.73
N ARG A 79 24.94 -27.42 1.81
CA ARG A 79 24.51 -26.03 2.13
C ARG A 79 23.55 -25.55 1.05
N LEU A 80 22.76 -24.52 1.37
CA LEU A 80 21.89 -23.84 0.39
C LEU A 80 21.77 -22.39 0.84
N ASP A 81 22.49 -21.50 0.16
CA ASP A 81 22.60 -20.09 0.58
C ASP A 81 21.51 -19.23 -0.05
N SER A 82 21.15 -19.50 -1.31
CA SER A 82 20.21 -18.66 -2.10
C SER A 82 19.26 -19.58 -2.85
N ALA A 83 17.98 -19.17 -2.94
CA ALA A 83 16.97 -19.96 -3.66
C ALA A 83 15.98 -19.01 -4.33
N VAL A 84 15.71 -19.22 -5.62
CA VAL A 84 14.81 -18.36 -6.42
C VAL A 84 13.95 -19.23 -7.32
N MET A 85 12.69 -18.83 -7.46
CA MET A 85 11.74 -19.52 -8.36
C MET A 85 10.83 -18.49 -8.98
N PHE A 86 10.21 -18.88 -10.08
CA PHE A 86 9.07 -18.17 -10.72
C PHE A 86 8.11 -19.26 -11.16
N SER A 87 6.86 -18.90 -11.35
CA SER A 87 5.83 -19.90 -11.72
C SER A 87 4.64 -19.19 -12.34
N GLY A 88 3.71 -19.97 -12.89
CA GLY A 88 2.40 -19.45 -13.30
C GLY A 88 2.35 -19.03 -14.75
N GLN A 89 1.13 -18.98 -15.28
CA GLN A 89 0.88 -18.58 -16.68
C GLN A 89 -0.21 -17.53 -16.65
N ILE A 90 -0.04 -16.50 -17.47
CA ILE A 90 -1.02 -15.40 -17.59
C ILE A 90 -2.33 -16.05 -18.02
N VAL A 91 -3.43 -15.63 -17.39
CA VAL A 91 -4.81 -15.97 -17.85
C VAL A 91 -5.53 -14.64 -17.98
N THR A 92 -6.18 -14.40 -19.12
CA THR A 92 -6.88 -13.13 -19.41
C THR A 92 -8.35 -13.41 -19.72
N GLY A 93 -9.16 -12.37 -19.69
CA GLY A 93 -10.60 -12.44 -19.97
C GLY A 93 -11.40 -11.64 -18.98
N ARG A 94 -12.57 -11.16 -19.40
CA ARG A 94 -13.52 -10.41 -18.54
C ARG A 94 -13.92 -11.31 -17.37
N PHE A 95 -14.03 -10.72 -16.19
CA PHE A 95 -14.46 -11.43 -14.95
C PHE A 95 -15.77 -12.21 -15.19
N VAL A 96 -16.78 -11.59 -15.76
CA VAL A 96 -18.10 -12.27 -15.96
C VAL A 96 -18.03 -13.42 -16.98
N ASN A 97 -16.98 -13.53 -17.79
CA ASN A 97 -16.83 -14.70 -18.70
C ASN A 97 -15.89 -15.72 -18.09
N SER A 98 -15.31 -15.46 -16.91
CA SER A 98 -14.36 -16.39 -16.27
C SER A 98 -15.09 -17.60 -15.66
N THR A 99 -14.35 -18.59 -15.25
CA THR A 99 -14.91 -19.78 -14.55
C THR A 99 -14.22 -19.95 -13.19
N ILE A 100 -14.88 -20.64 -12.28
CA ILE A 100 -14.25 -21.11 -11.01
C ILE A 100 -13.06 -22.01 -11.35
N ASP A 101 -13.10 -22.84 -12.41
CA ASP A 101 -11.98 -23.76 -12.73
C ASP A 101 -10.76 -22.95 -13.18
N GLN A 102 -10.95 -21.82 -13.83
CA GLN A 102 -9.82 -20.91 -14.15
C GLN A 102 -9.21 -20.35 -12.86
N LEU A 103 -10.06 -19.94 -11.93
CA LEU A 103 -9.56 -19.40 -10.64
C LEU A 103 -8.71 -20.47 -9.98
N ARG A 104 -9.19 -21.73 -9.94
CA ARG A 104 -8.43 -22.85 -9.32
C ARG A 104 -7.10 -23.03 -10.05
N GLN A 105 -7.12 -23.00 -11.37
CA GLN A 105 -5.90 -23.26 -12.18
C GLN A 105 -4.85 -22.18 -11.93
N VAL A 106 -5.25 -20.91 -11.91
CA VAL A 106 -4.26 -19.83 -11.66
C VAL A 106 -3.75 -19.90 -10.23
N PHE A 107 -4.59 -20.33 -9.28
CA PHE A 107 -4.12 -20.52 -7.88
C PHE A 107 -3.00 -21.57 -7.82
N VAL A 108 -3.15 -22.68 -8.54
CA VAL A 108 -2.14 -23.77 -8.52
C VAL A 108 -0.82 -23.17 -9.01
N GLY A 109 -0.85 -22.56 -10.21
CA GLY A 109 0.36 -21.98 -10.84
C GLY A 109 1.00 -20.90 -9.98
N CYS A 110 0.19 -19.99 -9.43
CA CYS A 110 0.70 -18.72 -8.87
C CYS A 110 0.87 -18.81 -7.36
N VAL A 111 0.24 -19.75 -6.68
CA VAL A 111 0.31 -19.79 -5.19
C VAL A 111 0.80 -21.16 -4.71
N GLU A 112 0.30 -22.27 -5.25
CA GLU A 112 0.74 -23.58 -4.74
C GLU A 112 2.25 -23.74 -5.00
N ALA A 113 2.73 -23.34 -6.19
CA ALA A 113 4.18 -23.52 -6.53
C ALA A 113 5.08 -22.76 -5.56
N PRO A 114 4.87 -21.45 -5.31
CA PRO A 114 5.74 -20.76 -4.36
C PRO A 114 5.54 -21.28 -2.94
N TYR A 115 4.33 -21.65 -2.57
CA TYR A 115 4.07 -22.31 -1.26
C TYR A 115 4.99 -23.54 -1.12
N ASN A 116 4.98 -24.43 -2.13
CA ASN A 116 5.79 -25.67 -2.08
C ASN A 116 7.28 -25.36 -1.99
N PHE A 117 7.73 -24.35 -2.73
CA PHE A 117 9.16 -23.97 -2.76
C PHE A 117 9.56 -23.50 -1.35
N MET A 118 8.80 -22.55 -0.79
CA MET A 118 9.13 -22.01 0.55
C MET A 118 9.00 -23.08 1.63
N ARG A 119 8.01 -23.95 1.52
CA ARG A 119 7.75 -24.98 2.55
C ARG A 119 8.96 -25.93 2.60
N ALA A 120 9.62 -26.17 1.48
CA ALA A 120 10.82 -27.05 1.45
C ALA A 120 12.09 -26.28 1.82
N VAL A 121 12.26 -25.06 1.30
CA VAL A 121 13.57 -24.36 1.37
C VAL A 121 13.69 -23.65 2.74
N VAL A 122 12.61 -23.09 3.27
CA VAL A 122 12.74 -22.26 4.51
C VAL A 122 13.34 -23.10 5.64
N PRO A 123 12.84 -24.33 5.92
CA PRO A 123 13.37 -25.13 7.04
C PRO A 123 14.86 -25.42 6.87
N VAL A 124 15.30 -25.58 5.63
CA VAL A 124 16.74 -25.84 5.36
C VAL A 124 17.54 -24.63 5.80
N MET A 125 17.05 -23.43 5.48
CA MET A 125 17.83 -22.22 5.72
C MET A 125 17.76 -21.82 7.20
N THR A 126 16.61 -21.95 7.83
CA THR A 126 16.42 -21.52 9.24
C THR A 126 17.33 -22.38 10.11
N GLU A 127 17.49 -23.65 9.76
CA GLU A 127 18.43 -24.54 10.50
C GLU A 127 19.84 -23.95 10.40
N ARG A 128 20.22 -23.37 9.27
CA ARG A 128 21.58 -22.81 9.07
C ARG A 128 21.67 -21.38 9.60
N GLU A 129 20.54 -20.79 10.01
CA GLU A 129 20.48 -19.38 10.52
C GLU A 129 20.99 -18.39 9.48
N ALA A 130 20.76 -18.67 8.21
CA ALA A 130 21.19 -17.82 7.10
C ALA A 130 20.50 -18.27 5.82
N GLY A 131 20.32 -17.34 4.90
CA GLY A 131 19.93 -17.66 3.53
C GLY A 131 19.04 -16.58 2.93
N GLN A 132 18.99 -16.55 1.61
CA GLN A 132 18.21 -15.55 0.86
C GLN A 132 17.28 -16.28 -0.08
N ILE A 133 15.99 -15.98 0.03
CA ILE A 133 14.96 -16.55 -0.88
C ILE A 133 14.33 -15.39 -1.66
N LEU A 134 14.27 -15.52 -2.97
CA LEU A 134 13.52 -14.59 -3.83
C LEU A 134 12.39 -15.36 -4.49
N ILE A 135 11.17 -14.94 -4.25
CA ILE A 135 9.98 -15.51 -4.94
C ILE A 135 9.58 -14.53 -6.01
N ILE A 136 9.67 -14.92 -7.27
CA ILE A 136 9.25 -14.04 -8.36
C ILE A 136 7.76 -14.29 -8.51
N THR A 137 6.95 -13.30 -8.17
CA THR A 137 5.48 -13.40 -8.29
C THR A 137 5.12 -12.69 -9.58
N SER A 138 4.48 -11.51 -9.51
CA SER A 138 4.13 -10.71 -10.71
C SER A 138 3.79 -9.29 -10.29
N ALA A 139 4.02 -8.35 -11.17
CA ALA A 139 3.61 -6.94 -10.95
C ALA A 139 2.09 -6.90 -10.97
N SER A 140 1.43 -7.86 -11.63
CA SER A 140 -0.05 -7.89 -11.69
C SER A 140 -0.67 -8.12 -10.31
N GLY A 141 0.12 -8.62 -9.37
CA GLY A 141 -0.30 -8.82 -7.99
C GLY A 141 -0.40 -7.52 -7.19
N ALA A 142 0.15 -6.41 -7.68
CA ALA A 142 0.34 -5.19 -6.87
C ALA A 142 -0.75 -4.18 -7.21
N ARG A 143 -1.58 -4.44 -8.23
CA ARG A 143 -2.57 -3.46 -8.68
C ARG A 143 -3.64 -4.18 -9.48
N PRO A 144 -4.87 -3.65 -9.57
CA PRO A 144 -5.81 -4.19 -10.54
C PRO A 144 -5.16 -4.20 -11.93
N THR A 145 -5.37 -5.31 -12.64
CA THR A 145 -4.74 -5.58 -13.95
C THR A 145 -5.84 -5.68 -14.99
N PRO A 146 -6.04 -4.66 -15.84
CA PRO A 146 -7.09 -4.74 -16.88
C PRO A 146 -6.90 -5.99 -17.75
N GLY A 147 -7.94 -6.80 -17.86
CA GLY A 147 -7.96 -8.01 -18.69
C GLY A 147 -7.46 -9.25 -17.97
N ALA A 148 -6.90 -9.15 -16.73
CA ALA A 148 -6.40 -10.34 -16.00
C ALA A 148 -6.81 -10.29 -14.52
N PRO A 149 -8.11 -10.19 -14.21
CA PRO A 149 -8.56 -10.01 -12.83
C PRO A 149 -8.23 -11.19 -11.90
N LEU A 150 -8.41 -12.42 -12.37
CA LEU A 150 -8.18 -13.62 -11.54
C LEU A 150 -6.68 -13.75 -11.31
N TYR A 151 -5.90 -13.60 -12.38
CA TYR A 151 -4.42 -13.70 -12.35
C TYR A 151 -3.87 -12.70 -11.32
N SER A 152 -4.29 -11.45 -11.42
CA SER A 152 -3.87 -10.39 -10.48
C SER A 152 -4.19 -10.84 -9.06
N SER A 153 -5.43 -11.28 -8.81
CA SER A 153 -5.89 -11.70 -7.46
C SER A 153 -4.91 -12.74 -6.87
N VAL A 154 -4.61 -13.80 -7.60
CA VAL A 154 -3.82 -14.92 -7.04
C VAL A 154 -2.36 -14.50 -6.91
N ARG A 155 -1.88 -13.60 -7.78
CA ARG A 155 -0.49 -13.06 -7.63
C ARG A 155 -0.41 -12.31 -6.30
N ALA A 156 -1.48 -11.60 -5.90
CA ALA A 156 -1.45 -10.83 -4.64
C ALA A 156 -1.39 -11.81 -3.46
N ALA A 157 -2.03 -12.96 -3.55
CA ALA A 157 -1.94 -14.01 -2.50
C ALA A 157 -0.48 -14.41 -2.37
N ALA A 158 0.16 -14.67 -3.51
CA ALA A 158 1.56 -15.15 -3.49
C ALA A 158 2.44 -14.10 -2.80
N THR A 159 2.31 -12.81 -3.17
CA THR A 159 3.17 -11.78 -2.57
C THR A 159 2.87 -11.69 -1.08
N MET A 160 1.60 -11.71 -0.68
CA MET A 160 1.27 -11.62 0.77
C MET A 160 1.77 -12.88 1.51
N LEU A 161 1.82 -14.04 0.86
CA LEU A 161 2.38 -15.25 1.52
C LEU A 161 3.86 -15.01 1.79
N VAL A 162 4.59 -14.47 0.84
CA VAL A 162 6.03 -14.11 1.02
C VAL A 162 6.16 -13.20 2.23
N LYS A 163 5.38 -12.14 2.28
CA LYS A 163 5.49 -11.20 3.44
C LYS A 163 5.20 -11.92 4.75
N ASN A 164 4.25 -12.82 4.81
CA ASN A 164 3.92 -13.57 6.03
C ASN A 164 5.08 -14.50 6.41
N VAL A 165 5.64 -15.22 5.45
CA VAL A 165 6.77 -16.16 5.71
C VAL A 165 7.94 -15.33 6.18
N ALA A 166 8.18 -14.19 5.53
CA ALA A 166 9.32 -13.31 5.88
C ALA A 166 9.20 -12.92 7.36
N ASP A 167 8.04 -12.42 7.76
CA ASP A 167 7.87 -11.92 9.13
C ASP A 167 8.06 -13.08 10.13
N GLU A 168 7.57 -14.27 9.79
CA GLU A 168 7.66 -15.46 10.68
C GLU A 168 9.12 -15.83 10.94
N VAL A 169 9.97 -15.82 9.90
CA VAL A 169 11.33 -16.43 10.00
C VAL A 169 12.40 -15.36 10.10
N ALA A 170 12.04 -14.08 10.15
CA ALA A 170 13.04 -12.99 10.14
C ALA A 170 14.05 -13.14 11.28
N ARG A 171 13.61 -13.60 12.45
CA ARG A 171 14.55 -13.65 13.61
C ARG A 171 15.67 -14.69 13.33
N THR A 172 15.52 -15.60 12.37
CA THR A 172 16.51 -16.66 12.01
C THR A 172 17.64 -16.12 11.12
N GLY A 173 17.53 -14.92 10.55
CA GLY A 173 18.53 -14.40 9.60
C GLY A 173 18.15 -14.70 8.16
N VAL A 174 17.15 -15.55 7.93
CA VAL A 174 16.73 -15.91 6.55
C VAL A 174 15.88 -14.74 6.02
N GLN A 175 16.20 -14.26 4.83
CA GLN A 175 15.42 -13.20 4.17
C GLN A 175 14.52 -13.84 3.10
N VAL A 176 13.30 -13.35 2.99
CA VAL A 176 12.31 -13.84 2.00
C VAL A 176 11.69 -12.61 1.37
N ASN A 177 11.94 -12.41 0.07
CA ASN A 177 11.51 -11.18 -0.64
C ASN A 177 10.86 -11.59 -1.95
N ALA A 178 10.06 -10.72 -2.51
CA ALA A 178 9.40 -10.97 -3.81
C ALA A 178 9.71 -9.86 -4.79
N VAL A 179 9.71 -10.21 -6.08
CA VAL A 179 9.74 -9.21 -7.18
C VAL A 179 8.77 -9.72 -8.25
N GLY A 180 8.19 -8.80 -8.97
CA GLY A 180 7.20 -9.17 -9.98
C GLY A 180 7.35 -8.30 -11.19
N THR A 181 7.24 -8.91 -12.37
CA THR A 181 7.39 -8.16 -13.61
C THR A 181 6.04 -7.99 -14.35
N ASN A 182 6.07 -7.11 -15.34
CA ASN A 182 5.11 -7.10 -16.48
C ASN A 182 5.92 -6.60 -17.67
N PHE A 183 5.47 -6.81 -18.90
CA PHE A 183 6.10 -6.18 -20.09
C PHE A 183 7.58 -6.59 -20.23
N MET A 184 7.90 -7.86 -20.01
CA MET A 184 9.26 -8.40 -20.23
C MET A 184 9.31 -9.06 -21.61
N ASP A 185 10.45 -8.94 -22.28
CA ASP A 185 10.69 -9.53 -23.62
C ASP A 185 11.15 -10.98 -23.43
N PHE A 186 10.21 -11.93 -23.39
CA PHE A 186 10.47 -13.40 -23.44
C PHE A 186 9.29 -14.04 -24.17
N PRO A 187 9.51 -15.23 -24.79
CA PRO A 187 8.53 -15.79 -25.74
C PRO A 187 7.10 -15.94 -25.20
N ALA A 188 6.94 -16.48 -23.98
CA ALA A 188 5.61 -16.70 -23.37
C ALA A 188 4.84 -15.38 -23.26
N PHE A 189 5.46 -14.27 -22.84
CA PHE A 189 4.78 -12.94 -22.83
C PHE A 189 4.46 -12.49 -24.27
N LEU A 190 5.41 -12.69 -25.20
CA LEU A 190 5.22 -12.23 -26.60
C LEU A 190 4.05 -13.02 -27.21
N LYS A 191 4.01 -14.35 -26.97
CA LYS A 191 2.92 -15.24 -27.45
C LYS A 191 1.57 -14.74 -26.91
N ALA A 192 1.44 -14.59 -25.59
CA ALA A 192 0.30 -13.86 -25.00
C ALA A 192 0.47 -12.39 -25.40
N SER A 193 -0.53 -11.54 -25.21
CA SER A 193 -0.41 -10.07 -25.51
C SER A 193 -0.42 -9.82 -27.03
N GLY A 194 0.01 -10.79 -27.85
CA GLY A 194 0.12 -10.57 -29.31
C GLY A 194 1.37 -9.80 -29.69
N ALA A 195 2.37 -9.78 -28.79
CA ALA A 195 3.61 -8.98 -28.98
C ALA A 195 4.42 -9.45 -30.20
N ASN A 196 4.31 -10.72 -30.59
CA ASN A 196 5.18 -11.22 -31.69
C ASN A 196 4.88 -10.36 -32.92
N ASP A 197 3.63 -9.98 -33.16
CA ASP A 197 3.37 -9.03 -34.28
C ASP A 197 4.08 -7.72 -33.93
N PRO A 198 4.79 -7.06 -34.86
CA PRO A 198 5.56 -5.85 -34.54
C PRO A 198 4.63 -4.68 -34.20
N GLU A 199 3.56 -4.51 -34.98
CA GLU A 199 2.61 -3.40 -34.78
C GLU A 199 1.99 -3.55 -33.38
N VAL A 200 1.55 -4.75 -33.00
CA VAL A 200 1.00 -5.00 -31.64
C VAL A 200 2.13 -4.69 -30.65
N ARG A 201 3.33 -5.20 -30.93
CA ARG A 201 4.53 -5.04 -30.05
C ARG A 201 4.80 -3.55 -29.84
N ALA A 202 4.93 -2.78 -30.93
CA ALA A 202 5.20 -1.33 -30.88
C ALA A 202 4.10 -0.62 -30.10
N LYS A 203 2.84 -1.00 -30.30
CA LYS A 203 1.69 -0.38 -29.60
C LYS A 203 1.81 -0.68 -28.10
N ILE A 204 2.14 -1.93 -27.77
CA ILE A 204 2.28 -2.39 -26.36
C ILE A 204 3.37 -1.55 -25.68
N GLU A 205 4.52 -1.41 -26.34
CA GLU A 205 5.67 -0.62 -25.85
C GLU A 205 5.19 0.82 -25.63
N SER A 206 4.32 1.32 -26.51
CA SER A 206 3.75 2.70 -26.45
C SER A 206 3.04 2.89 -25.10
N GLN A 207 2.37 1.86 -24.59
CA GLN A 207 1.54 1.95 -23.35
C GLN A 207 2.43 1.90 -22.10
N VAL A 208 3.57 1.22 -22.14
CA VAL A 208 4.44 1.08 -20.92
C VAL A 208 4.95 2.47 -20.57
N PRO A 209 4.92 2.92 -19.29
CA PRO A 209 5.43 4.25 -18.94
C PRO A 209 6.86 4.45 -19.46
N MET A 210 7.73 3.46 -19.34
CA MET A 210 9.12 3.57 -19.83
C MET A 210 9.17 3.19 -21.33
N ARG A 211 8.02 2.89 -21.94
CA ARG A 211 7.90 2.87 -23.42
C ARG A 211 8.78 1.79 -24.08
N ARG A 212 9.04 0.67 -23.40
CA ARG A 212 9.79 -0.47 -23.99
C ARG A 212 9.46 -1.73 -23.19
N LEU A 213 9.98 -2.88 -23.61
CA LEU A 213 9.90 -4.12 -22.81
C LEU A 213 11.19 -4.29 -22.01
N GLY A 214 11.12 -5.04 -20.92
CA GLY A 214 12.31 -5.29 -20.09
C GLY A 214 13.10 -6.47 -20.63
N THR A 215 14.38 -6.55 -20.32
CA THR A 215 15.21 -7.70 -20.75
C THR A 215 15.40 -8.67 -19.59
N MET A 216 15.54 -9.95 -19.91
CA MET A 216 15.93 -10.98 -18.92
C MET A 216 17.27 -10.61 -18.29
N GLU A 217 18.21 -10.08 -19.07
CA GLU A 217 19.54 -9.78 -18.53
C GLU A 217 19.45 -8.74 -17.42
N GLU A 218 18.74 -7.64 -17.65
CA GLU A 218 18.72 -6.50 -16.68
C GLU A 218 17.92 -6.95 -15.45
N PHE A 219 16.84 -7.70 -15.66
CA PHE A 219 16.02 -8.24 -14.56
C PHE A 219 16.86 -9.19 -13.70
N SER A 220 17.65 -10.08 -14.32
CA SER A 220 18.53 -10.99 -13.55
C SER A 220 19.52 -10.22 -12.66
N ALA A 221 20.10 -9.12 -13.15
CA ALA A 221 21.00 -8.26 -12.34
C ALA A 221 20.22 -7.69 -11.16
N PHE A 222 18.98 -7.22 -11.37
CA PHE A 222 18.17 -6.65 -10.26
C PHE A 222 18.00 -7.69 -9.18
N CYS A 223 17.64 -8.91 -9.58
CA CYS A 223 17.32 -10.02 -8.66
C CYS A 223 18.52 -10.29 -7.72
N MET A 224 19.74 -10.06 -8.18
CA MET A 224 20.92 -10.35 -7.35
C MET A 224 20.94 -9.52 -6.05
N ALA A 225 20.27 -8.37 -6.02
CA ALA A 225 20.26 -7.55 -4.80
C ALA A 225 19.63 -8.35 -3.66
N PHE A 226 18.77 -9.35 -3.96
CA PHE A 226 18.08 -10.14 -2.94
C PHE A 226 18.68 -11.55 -2.83
N LEU A 227 19.78 -11.84 -3.52
CA LEU A 227 20.25 -13.25 -3.66
C LEU A 227 21.77 -13.41 -3.61
N ASP A 228 22.54 -12.35 -3.87
CA ASP A 228 24.02 -12.55 -4.07
C ASP A 228 24.80 -12.48 -2.76
N GLY A 229 24.16 -12.35 -1.61
CA GLY A 229 24.78 -12.27 -0.27
C GLY A 229 25.41 -10.93 0.09
N SER A 230 25.46 -9.98 -0.85
CA SER A 230 26.07 -8.63 -0.62
C SER A 230 25.17 -7.76 0.25
N SER A 231 23.87 -8.00 0.24
CA SER A 231 22.89 -7.16 0.99
C SER A 231 21.98 -8.10 1.77
N ARG A 232 21.91 -7.99 3.10
CA ARG A 232 21.15 -8.98 3.89
C ARG A 232 20.17 -8.32 4.87
N PHE A 233 19.93 -7.02 4.86
CA PHE A 233 19.09 -6.41 5.93
C PHE A 233 17.74 -5.97 5.40
N THR A 234 17.20 -6.67 4.41
CA THR A 234 15.77 -6.43 4.10
C THR A 234 15.08 -7.75 3.82
N THR A 235 13.82 -7.81 4.25
CA THR A 235 12.99 -9.01 4.09
C THR A 235 11.55 -8.55 4.00
N GLY A 236 10.70 -9.39 3.44
CA GLY A 236 9.26 -9.08 3.33
C GLY A 236 8.98 -7.96 2.35
N GLN A 237 9.87 -7.70 1.42
CA GLN A 237 9.67 -6.66 0.39
C GLN A 237 8.98 -7.24 -0.82
N PHE A 238 8.18 -6.40 -1.47
CA PHE A 238 7.76 -6.62 -2.88
C PHE A 238 8.27 -5.45 -3.70
N VAL A 239 8.97 -5.72 -4.78
CA VAL A 239 9.39 -4.69 -5.74
C VAL A 239 8.84 -5.05 -7.13
N ALA A 240 8.18 -4.09 -7.76
CA ALA A 240 7.69 -4.23 -9.14
C ALA A 240 8.86 -3.97 -10.08
N TYR A 241 8.85 -4.66 -11.21
CA TYR A 241 9.90 -4.53 -12.24
C TYR A 241 9.14 -4.52 -13.57
N ALA A 242 8.52 -3.39 -13.92
CA ALA A 242 7.51 -3.35 -15.00
C ALA A 242 7.52 -2.01 -15.72
N GLY A 243 8.67 -1.38 -15.86
CA GLY A 243 8.79 -0.11 -16.63
C GLY A 243 7.91 1.00 -16.09
N GLY A 244 7.65 0.99 -14.76
CA GLY A 244 6.83 2.00 -14.10
C GLY A 244 5.35 1.71 -14.17
N TRP A 245 4.92 0.61 -14.80
CA TRP A 245 3.48 0.23 -14.86
C TRP A 245 2.96 -0.05 -13.44
N ALA A 246 3.84 -0.54 -12.57
CA ALA A 246 3.59 -0.67 -11.12
C ALA A 246 4.94 -0.45 -10.44
N SER B 2 -40.86 -3.63 -7.48
CA SER B 2 -40.74 -3.20 -6.03
C SER B 2 -40.38 -1.70 -5.98
N ASN B 3 -41.11 -0.91 -5.17
CA ASN B 3 -40.84 0.52 -4.98
C ASN B 3 -39.62 0.70 -4.06
N ARG B 4 -39.40 -0.20 -3.10
CA ARG B 4 -38.27 -0.13 -2.13
C ARG B 4 -37.05 -0.78 -2.77
N PRO B 5 -35.82 -0.32 -2.47
CA PRO B 5 -34.61 -0.98 -2.93
C PRO B 5 -34.50 -2.35 -2.25
N VAL B 6 -33.76 -3.27 -2.88
CA VAL B 6 -33.67 -4.68 -2.42
C VAL B 6 -32.19 -4.99 -2.12
N ALA B 7 -31.93 -5.50 -0.93
CA ALA B 7 -30.57 -5.93 -0.53
C ALA B 7 -30.56 -7.45 -0.39
N LEU B 8 -29.45 -8.08 -0.77
CA LEU B 8 -29.13 -9.51 -0.53
C LEU B 8 -28.06 -9.58 0.55
N VAL B 9 -28.37 -10.21 1.67
CA VAL B 9 -27.40 -10.54 2.74
C VAL B 9 -27.20 -12.05 2.65
N SER B 10 -26.01 -12.48 2.25
CA SER B 10 -25.81 -13.89 1.83
C SER B 10 -26.02 -14.86 3.03
N ASP B 11 -25.70 -14.46 4.24
CA ASP B 11 -25.76 -15.36 5.41
C ASP B 11 -26.15 -14.55 6.65
N THR B 12 -27.30 -14.86 7.24
CA THR B 12 -27.80 -14.15 8.45
C THR B 12 -27.71 -15.08 9.67
N ARG B 13 -26.97 -16.17 9.57
CA ARG B 13 -26.87 -17.14 10.69
C ARG B 13 -25.82 -16.67 11.69
N TYR B 14 -24.82 -15.92 11.23
CA TYR B 14 -23.61 -15.70 12.04
C TYR B 14 -23.07 -14.29 11.83
N TYR B 15 -22.15 -13.92 12.71
CA TYR B 15 -21.27 -12.75 12.51
C TYR B 15 -22.17 -11.53 12.37
N VAL B 16 -21.90 -10.70 11.37
CA VAL B 16 -22.58 -9.39 11.19
C VAL B 16 -23.88 -9.56 10.40
N GLY B 17 -24.21 -10.77 9.96
CA GLY B 17 -25.33 -10.98 9.01
C GLY B 17 -26.64 -10.44 9.55
N PRO B 18 -27.06 -10.85 10.78
CA PRO B 18 -28.34 -10.36 11.32
C PRO B 18 -28.34 -8.83 11.43
N ASP B 19 -27.22 -8.25 11.88
CA ASP B 19 -27.13 -6.77 12.04
C ASP B 19 -27.17 -6.07 10.68
N LEU B 20 -26.58 -6.63 9.64
CA LEU B 20 -26.66 -6.04 8.29
C LEU B 20 -28.14 -5.96 7.90
N ALA B 21 -28.90 -7.02 8.15
CA ALA B 21 -30.33 -7.05 7.76
C ALA B 21 -31.10 -5.95 8.52
N ARG B 22 -30.83 -5.80 9.81
CA ARG B 22 -31.48 -4.76 10.62
C ARG B 22 -31.13 -3.36 10.07
N ARG B 23 -29.86 -3.09 9.74
CA ARG B 23 -29.47 -1.78 9.20
C ARG B 23 -30.25 -1.54 7.90
N PHE B 24 -30.32 -2.52 7.01
CA PHE B 24 -30.99 -2.37 5.70
C PHE B 24 -32.48 -2.07 5.92
N ALA B 25 -33.12 -2.77 6.86
CA ALA B 25 -34.57 -2.55 7.17
C ALA B 25 -34.73 -1.11 7.67
N GLU B 26 -33.76 -0.60 8.44
CA GLU B 26 -33.80 0.81 8.95
C GLU B 26 -33.67 1.78 7.77
N LYS B 27 -32.95 1.38 6.72
CA LYS B 27 -32.71 2.24 5.54
C LYS B 27 -33.82 2.08 4.50
N GLY B 28 -34.88 1.33 4.81
CA GLY B 28 -36.07 1.20 3.94
C GLY B 28 -35.88 0.20 2.81
N PHE B 29 -35.05 -0.82 3.01
CA PHE B 29 -34.81 -1.88 2.00
C PHE B 29 -35.77 -3.05 2.23
N ASP B 30 -36.15 -3.71 1.16
CA ASP B 30 -36.71 -5.08 1.19
C ASP B 30 -35.51 -6.04 1.18
N LEU B 31 -35.67 -7.27 1.68
CA LEU B 31 -34.49 -8.13 1.93
C LEU B 31 -34.65 -9.55 1.38
N VAL B 32 -33.57 -10.03 0.76
CA VAL B 32 -33.35 -11.46 0.46
C VAL B 32 -32.26 -11.91 1.43
N LEU B 33 -32.52 -12.93 2.27
CA LEU B 33 -31.60 -13.28 3.36
C LEU B 33 -31.23 -14.75 3.31
N GLY B 34 -29.95 -15.05 3.48
CA GLY B 34 -29.52 -16.45 3.63
C GLY B 34 -29.88 -17.00 5.00
N ASP B 35 -30.79 -17.99 5.06
CA ASP B 35 -31.10 -18.81 6.27
C ASP B 35 -31.36 -17.95 7.51
N PRO B 36 -32.30 -16.98 7.45
CA PRO B 36 -32.64 -16.20 8.63
C PRO B 36 -33.50 -17.05 9.57
N SER B 37 -33.30 -16.90 10.86
CA SER B 37 -34.21 -17.50 11.88
C SER B 37 -35.61 -16.91 11.72
N PRO B 38 -36.65 -17.68 12.07
CA PRO B 38 -38.02 -17.15 12.05
C PRO B 38 -38.18 -15.84 12.86
N ASN B 39 -37.50 -15.77 14.00
CA ASN B 39 -37.50 -14.56 14.86
C ASN B 39 -36.91 -13.35 14.12
N LEU B 40 -35.77 -13.52 13.46
CA LEU B 40 -35.16 -12.41 12.70
C LEU B 40 -36.13 -11.94 11.61
N VAL B 41 -36.76 -12.86 10.89
CA VAL B 41 -37.73 -12.53 9.82
C VAL B 41 -38.85 -11.66 10.42
N SER B 42 -39.44 -12.11 11.54
CA SER B 42 -40.53 -11.43 12.29
C SER B 42 -40.10 -10.02 12.67
N GLU B 43 -38.89 -9.89 13.24
CA GLU B 43 -38.34 -8.60 13.70
C GLU B 43 -38.27 -7.65 12.52
N LEU B 44 -37.62 -8.09 11.43
CA LEU B 44 -37.44 -7.21 10.25
C LEU B 44 -38.79 -6.82 9.65
N GLU B 45 -39.75 -7.75 9.62
CA GLU B 45 -41.10 -7.51 9.04
C GLU B 45 -41.81 -6.42 9.84
N SER B 46 -41.67 -6.41 11.15
CA SER B 46 -42.23 -5.36 12.04
C SER B 46 -41.56 -4.01 11.72
N MET B 47 -40.35 -4.03 11.16
CA MET B 47 -39.64 -2.77 10.79
C MET B 47 -40.11 -2.32 9.40
N GLY B 48 -41.06 -3.01 8.78
CA GLY B 48 -41.69 -2.61 7.51
C GLY B 48 -40.97 -3.16 6.30
N ALA B 49 -40.07 -4.13 6.50
CA ALA B 49 -39.30 -4.79 5.41
C ALA B 49 -39.97 -6.10 4.98
N ARG B 50 -40.20 -6.27 3.69
CA ARG B 50 -40.65 -7.56 3.12
C ARG B 50 -39.39 -8.43 3.02
N ILE B 51 -39.50 -9.67 3.49
CA ILE B 51 -38.35 -10.60 3.66
C ILE B 51 -38.59 -11.85 2.81
N VAL B 52 -37.59 -12.22 2.01
CA VAL B 52 -37.59 -13.48 1.23
C VAL B 52 -36.41 -14.31 1.72
N PRO B 53 -36.64 -15.37 2.52
CA PRO B 53 -35.54 -16.19 2.98
C PRO B 53 -35.08 -17.08 1.83
N VAL B 54 -33.76 -17.33 1.72
CA VAL B 54 -33.22 -18.36 0.80
C VAL B 54 -32.49 -19.36 1.68
N THR B 55 -32.86 -20.64 1.60
CA THR B 55 -32.26 -21.68 2.49
C THR B 55 -31.19 -22.48 1.75
N GLY B 56 -30.10 -22.80 2.46
CA GLY B 56 -29.15 -23.85 2.06
C GLY B 56 -28.00 -23.37 1.20
N HIS B 57 -27.96 -22.10 0.78
CA HIS B 57 -26.91 -21.61 -0.15
C HIS B 57 -26.04 -20.54 0.50
N SER B 58 -26.06 -20.47 1.83
CA SER B 58 -25.40 -19.39 2.58
C SER B 58 -23.89 -19.61 2.61
N ASP B 59 -23.40 -20.80 2.29
CA ASP B 59 -21.92 -21.03 2.25
C ASP B 59 -21.35 -20.58 0.89
N LEU B 60 -22.19 -20.32 -0.11
CA LEU B 60 -21.72 -19.86 -1.45
C LEU B 60 -20.63 -20.81 -1.92
N SER B 61 -20.80 -22.09 -1.67
CA SER B 61 -19.76 -23.12 -1.95
C SER B 61 -19.78 -23.50 -3.43
N SER B 62 -20.73 -22.98 -4.22
CA SER B 62 -20.83 -23.30 -5.66
C SER B 62 -21.33 -22.08 -6.43
N PRO B 63 -21.04 -22.01 -7.75
CA PRO B 63 -21.62 -20.98 -8.61
C PRO B 63 -23.16 -21.01 -8.48
N GLU B 64 -23.73 -22.21 -8.41
CA GLU B 64 -25.20 -22.45 -8.30
C GLU B 64 -25.79 -21.80 -7.04
N SER B 65 -25.11 -21.94 -5.91
CA SER B 65 -25.56 -21.35 -4.62
C SER B 65 -25.68 -19.83 -4.75
N ALA B 66 -24.65 -19.17 -5.28
CA ALA B 66 -24.65 -17.70 -5.46
C ALA B 66 -25.77 -17.33 -6.44
N GLN B 67 -25.89 -18.07 -7.55
CA GLN B 67 -26.91 -17.71 -8.58
C GLN B 67 -28.31 -17.83 -7.96
N ALA B 68 -28.53 -18.84 -7.13
CA ALA B 68 -29.84 -19.04 -6.47
C ALA B 68 -30.17 -17.80 -5.63
N GLN B 69 -29.19 -17.27 -4.88
CA GLN B 69 -29.45 -16.08 -4.04
C GLN B 69 -29.80 -14.87 -4.91
N ALA B 70 -29.03 -14.62 -5.97
CA ALA B 70 -29.25 -13.47 -6.88
C ALA B 70 -30.60 -13.66 -7.59
N ASP B 71 -30.89 -14.88 -8.04
CA ASP B 71 -32.16 -15.15 -8.76
C ASP B 71 -33.35 -14.89 -7.85
N ALA B 72 -33.22 -15.17 -6.56
CA ALA B 72 -34.32 -15.02 -5.59
C ALA B 72 -34.76 -13.56 -5.53
N ALA B 73 -33.80 -12.62 -5.55
CA ALA B 73 -34.13 -11.19 -5.53
C ALA B 73 -34.97 -10.84 -6.75
N LEU B 74 -34.53 -11.25 -7.93
CA LEU B 74 -35.22 -10.89 -9.20
C LEU B 74 -36.61 -11.56 -9.20
N SER B 75 -36.68 -12.83 -8.80
CA SER B 75 -37.95 -13.59 -8.79
C SER B 75 -38.95 -12.90 -7.87
N ALA B 76 -38.53 -12.54 -6.67
CA ALA B 76 -39.43 -12.01 -5.63
C ALA B 76 -39.77 -10.54 -5.91
N PHE B 77 -38.80 -9.71 -6.28
CA PHE B 77 -38.91 -8.23 -6.21
C PHE B 77 -38.62 -7.56 -7.55
N GLY B 78 -38.02 -8.27 -8.51
CA GLY B 78 -37.70 -7.76 -9.84
C GLY B 78 -36.58 -6.73 -9.84
N ARG B 79 -35.80 -6.68 -8.76
CA ARG B 79 -34.62 -5.79 -8.67
C ARG B 79 -33.62 -6.30 -7.62
N LEU B 80 -32.38 -5.84 -7.70
CA LEU B 80 -31.34 -6.10 -6.68
C LEU B 80 -30.40 -4.90 -6.62
N ASP B 81 -30.49 -4.12 -5.55
CA ASP B 81 -29.81 -2.81 -5.44
C ASP B 81 -28.52 -2.96 -4.64
N SER B 82 -28.50 -3.84 -3.64
CA SER B 82 -27.33 -3.99 -2.73
C SER B 82 -27.09 -5.46 -2.48
N ALA B 83 -25.82 -5.86 -2.34
CA ALA B 83 -25.50 -7.27 -2.06
C ALA B 83 -24.24 -7.33 -1.19
N VAL B 84 -24.28 -8.14 -0.13
CA VAL B 84 -23.15 -8.23 0.83
C VAL B 84 -22.97 -9.67 1.24
N MET B 85 -21.72 -10.10 1.38
CA MET B 85 -21.42 -11.46 1.84
C MET B 85 -20.19 -11.41 2.78
N PHE B 86 -20.00 -12.47 3.57
CA PHE B 86 -18.74 -12.79 4.28
C PHE B 86 -18.55 -14.30 4.17
N SER B 87 -17.34 -14.77 4.36
CA SER B 87 -17.02 -16.21 4.23
C SER B 87 -15.71 -16.54 4.93
N GLY B 88 -15.42 -17.84 5.03
CA GLY B 88 -14.08 -18.30 5.46
C GLY B 88 -14.01 -18.53 6.94
N GLN B 89 -13.08 -19.38 7.36
CA GLN B 89 -12.84 -19.62 8.80
C GLN B 89 -11.36 -19.39 9.07
N ILE B 90 -11.02 -18.89 10.24
CA ILE B 90 -9.60 -18.66 10.64
C ILE B 90 -8.88 -20.02 10.56
N VAL B 91 -7.70 -20.03 9.98
CA VAL B 91 -6.77 -21.19 10.07
C VAL B 91 -5.49 -20.63 10.68
N THR B 92 -5.00 -21.23 11.77
CA THR B 92 -3.78 -20.75 12.46
C THR B 92 -2.71 -21.84 12.46
N GLY B 93 -1.47 -21.42 12.68
CA GLY B 93 -0.31 -22.32 12.80
C GLY B 93 0.86 -21.78 12.01
N ARG B 94 2.06 -22.10 12.46
CA ARG B 94 3.28 -21.55 11.81
C ARG B 94 3.36 -22.09 10.38
N PHE B 95 3.86 -21.28 9.46
CA PHE B 95 4.04 -21.67 8.04
C PHE B 95 4.81 -22.98 7.95
N VAL B 96 5.90 -23.04 8.71
CA VAL B 96 6.86 -24.17 8.67
C VAL B 96 6.23 -25.45 9.23
N ASN B 97 5.04 -25.41 9.84
CA ASN B 97 4.31 -26.64 10.27
C ASN B 97 3.05 -26.85 9.41
N SER B 98 2.81 -25.99 8.40
CA SER B 98 1.55 -26.05 7.60
C SER B 98 1.62 -27.09 6.47
N THR B 99 0.50 -27.32 5.81
CA THR B 99 0.37 -28.26 4.69
C THR B 99 -0.28 -27.60 3.49
N ILE B 100 -0.05 -28.17 2.32
CA ILE B 100 -0.65 -27.71 1.04
C ILE B 100 -2.16 -27.89 1.18
N ASP B 101 -2.63 -28.93 1.87
CA ASP B 101 -4.10 -29.16 2.03
C ASP B 101 -4.75 -28.01 2.81
N GLN B 102 -4.09 -27.52 3.85
CA GLN B 102 -4.63 -26.37 4.63
C GLN B 102 -4.74 -25.15 3.68
N LEU B 103 -3.74 -24.89 2.85
CA LEU B 103 -3.76 -23.75 1.93
C LEU B 103 -4.96 -23.90 0.98
N ARG B 104 -5.17 -25.10 0.44
CA ARG B 104 -6.28 -25.37 -0.49
C ARG B 104 -7.61 -25.16 0.23
N GLN B 105 -7.71 -25.63 1.47
CA GLN B 105 -9.00 -25.52 2.21
C GLN B 105 -9.31 -24.06 2.51
N VAL B 106 -8.34 -23.28 2.95
CA VAL B 106 -8.58 -21.86 3.30
C VAL B 106 -8.88 -21.08 2.01
N PHE B 107 -8.28 -21.44 0.88
CA PHE B 107 -8.55 -20.79 -0.41
C PHE B 107 -10.04 -20.91 -0.77
N VAL B 108 -10.62 -22.07 -0.54
CA VAL B 108 -12.04 -22.34 -0.88
C VAL B 108 -12.93 -21.36 -0.14
N GLY B 109 -12.80 -21.30 1.19
CA GLY B 109 -13.71 -20.45 1.97
C GLY B 109 -13.46 -18.96 1.75
N CYS B 110 -12.21 -18.58 1.52
CA CYS B 110 -11.82 -17.16 1.53
C CYS B 110 -11.83 -16.57 0.13
N VAL B 111 -11.77 -17.38 -0.92
CA VAL B 111 -11.64 -16.83 -2.30
C VAL B 111 -12.75 -17.38 -3.21
N GLU B 112 -12.98 -18.69 -3.20
CA GLU B 112 -14.01 -19.24 -4.11
C GLU B 112 -15.36 -18.61 -3.73
N ALA B 113 -15.66 -18.49 -2.44
CA ALA B 113 -16.98 -17.96 -2.00
C ALA B 113 -17.25 -16.55 -2.55
N PRO B 114 -16.35 -15.56 -2.32
CA PRO B 114 -16.55 -14.21 -2.88
C PRO B 114 -16.48 -14.19 -4.40
N TYR B 115 -15.68 -15.06 -5.01
CA TYR B 115 -15.68 -15.23 -6.47
C TYR B 115 -17.11 -15.57 -6.95
N ASN B 116 -17.65 -16.62 -6.37
CA ASN B 116 -19.01 -17.11 -6.76
C ASN B 116 -20.02 -16.00 -6.55
N PHE B 117 -19.94 -15.30 -5.44
CA PHE B 117 -20.94 -14.25 -5.14
C PHE B 117 -20.89 -13.18 -6.23
N MET B 118 -19.70 -12.68 -6.56
CA MET B 118 -19.58 -11.57 -7.53
C MET B 118 -19.95 -12.09 -8.93
N ARG B 119 -19.59 -13.35 -9.27
CA ARG B 119 -19.89 -13.91 -10.60
C ARG B 119 -21.41 -13.90 -10.80
N ALA B 120 -22.19 -14.12 -9.74
CA ALA B 120 -23.68 -14.17 -9.84
C ALA B 120 -24.24 -12.76 -9.82
N VAL B 121 -23.78 -11.93 -8.89
CA VAL B 121 -24.44 -10.63 -8.60
C VAL B 121 -24.04 -9.57 -9.64
N VAL B 122 -22.77 -9.54 -10.04
CA VAL B 122 -22.28 -8.43 -10.90
C VAL B 122 -23.13 -8.31 -12.17
N PRO B 123 -23.40 -9.40 -12.94
CA PRO B 123 -24.18 -9.29 -14.18
C PRO B 123 -25.59 -8.74 -13.94
N VAL B 124 -26.20 -9.06 -12.80
CA VAL B 124 -27.55 -8.55 -12.46
C VAL B 124 -27.46 -7.02 -12.40
N MET B 125 -26.43 -6.50 -11.74
CA MET B 125 -26.35 -5.05 -11.46
C MET B 125 -25.84 -4.30 -12.70
N THR B 126 -24.90 -4.85 -13.45
CA THR B 126 -24.35 -4.15 -14.62
C THR B 126 -25.50 -3.95 -15.60
N GLU B 127 -26.38 -4.94 -15.71
CA GLU B 127 -27.60 -4.86 -16.57
C GLU B 127 -28.44 -3.65 -16.14
N ARG B 128 -28.56 -3.39 -14.83
CA ARG B 128 -29.37 -2.27 -14.30
C ARG B 128 -28.56 -0.97 -14.28
N GLU B 129 -27.26 -1.00 -14.58
CA GLU B 129 -26.40 0.20 -14.58
C GLU B 129 -26.44 0.89 -13.19
N ALA B 130 -26.57 0.09 -12.13
CA ALA B 130 -26.69 0.52 -10.73
C ALA B 130 -26.48 -0.68 -9.79
N GLY B 131 -25.93 -0.44 -8.61
CA GLY B 131 -25.87 -1.43 -7.53
C GLY B 131 -24.63 -1.24 -6.69
N GLN B 132 -24.72 -1.66 -5.44
CA GLN B 132 -23.60 -1.64 -4.48
C GLN B 132 -23.32 -3.07 -4.01
N ILE B 133 -22.06 -3.48 -4.10
CA ILE B 133 -21.58 -4.81 -3.61
C ILE B 133 -20.55 -4.56 -2.52
N LEU B 134 -20.74 -5.17 -1.38
CA LEU B 134 -19.70 -5.17 -0.32
C LEU B 134 -19.27 -6.61 -0.10
N ILE B 135 -17.99 -6.90 -0.33
CA ILE B 135 -17.38 -8.22 -0.02
C ILE B 135 -16.61 -8.05 1.29
N ILE B 136 -17.05 -8.74 2.32
CA ILE B 136 -16.33 -8.68 3.61
C ILE B 136 -15.23 -9.71 3.51
N THR B 137 -13.97 -9.29 3.56
CA THR B 137 -12.81 -10.22 3.47
C THR B 137 -12.28 -10.34 4.89
N SER B 138 -11.12 -9.77 5.16
CA SER B 138 -10.53 -9.76 6.52
C SER B 138 -9.43 -8.71 6.59
N ALA B 139 -9.22 -8.16 7.77
CA ALA B 139 -8.08 -7.26 8.01
C ALA B 139 -6.80 -8.06 7.87
N SER B 140 -6.86 -9.40 8.07
CA SER B 140 -5.65 -10.24 7.97
C SER B 140 -5.12 -10.22 6.53
N GLY B 141 -5.96 -9.92 5.56
CA GLY B 141 -5.52 -9.79 4.14
C GLY B 141 -4.64 -8.55 3.91
N ALA B 142 -4.59 -7.60 4.84
CA ALA B 142 -3.96 -6.29 4.58
C ALA B 142 -2.53 -6.24 5.12
N ARG B 143 -2.12 -7.24 5.87
CA ARG B 143 -0.81 -7.18 6.56
C ARG B 143 -0.38 -8.58 6.91
N PRO B 144 0.93 -8.84 7.08
CA PRO B 144 1.34 -10.11 7.66
C PRO B 144 0.63 -10.31 9.00
N THR B 145 0.13 -11.51 9.24
CA THR B 145 -0.71 -11.87 10.40
C THR B 145 0.00 -12.95 11.19
N PRO B 146 0.66 -12.62 12.31
CA PRO B 146 1.37 -13.63 13.09
C PRO B 146 0.43 -14.79 13.43
N GLY B 147 0.85 -16.02 13.15
CA GLY B 147 0.09 -17.24 13.46
C GLY B 147 -0.94 -17.60 12.40
N ALA B 148 -1.19 -16.74 11.40
CA ALA B 148 -2.21 -17.06 10.37
C ALA B 148 -1.69 -16.74 8.98
N PRO B 149 -0.50 -17.23 8.60
CA PRO B 149 0.10 -16.82 7.35
C PRO B 149 -0.68 -17.26 6.10
N LEU B 150 -1.25 -18.46 6.10
CA LEU B 150 -1.96 -18.97 4.88
C LEU B 150 -3.28 -18.20 4.77
N TYR B 151 -3.95 -18.01 5.89
CA TYR B 151 -5.23 -17.27 5.97
C TYR B 151 -5.02 -15.85 5.44
N SER B 152 -3.99 -15.19 5.93
CA SER B 152 -3.68 -13.79 5.52
C SER B 152 -3.51 -13.78 3.99
N SER B 153 -2.70 -14.69 3.45
CA SER B 153 -2.40 -14.76 2.00
C SER B 153 -3.68 -14.85 1.17
N VAL B 154 -4.58 -15.77 1.50
CA VAL B 154 -5.79 -15.97 0.64
C VAL B 154 -6.76 -14.78 0.82
N ARG B 155 -6.86 -14.19 2.03
CA ARG B 155 -7.67 -12.98 2.21
C ARG B 155 -7.17 -11.86 1.31
N ALA B 156 -5.85 -11.75 1.11
CA ALA B 156 -5.27 -10.73 0.21
C ALA B 156 -5.75 -10.98 -1.23
N ALA B 157 -5.88 -12.21 -1.66
CA ALA B 157 -6.37 -12.51 -3.03
C ALA B 157 -7.82 -12.05 -3.14
N ALA B 158 -8.62 -12.29 -2.10
CA ALA B 158 -10.05 -11.92 -2.10
C ALA B 158 -10.15 -10.41 -2.25
N THR B 159 -9.36 -9.67 -1.49
CA THR B 159 -9.43 -8.18 -1.54
C THR B 159 -9.01 -7.71 -2.93
N MET B 160 -7.91 -8.25 -3.44
CA MET B 160 -7.43 -7.84 -4.79
C MET B 160 -8.45 -8.23 -5.86
N LEU B 161 -9.13 -9.38 -5.73
CA LEU B 161 -10.20 -9.75 -6.69
C LEU B 161 -11.24 -8.64 -6.69
N VAL B 162 -11.66 -8.20 -5.51
CA VAL B 162 -12.65 -7.11 -5.38
C VAL B 162 -12.13 -5.89 -6.14
N LYS B 163 -10.89 -5.48 -5.91
CA LYS B 163 -10.34 -4.29 -6.60
C LYS B 163 -10.36 -4.48 -8.12
N ASN B 164 -10.04 -5.67 -8.58
CA ASN B 164 -10.04 -5.98 -10.03
C ASN B 164 -11.46 -5.90 -10.59
N VAL B 165 -12.41 -6.52 -9.90
CA VAL B 165 -13.82 -6.53 -10.39
C VAL B 165 -14.30 -5.08 -10.41
N ALA B 166 -14.01 -4.32 -9.35
CA ALA B 166 -14.45 -2.92 -9.22
C ALA B 166 -13.99 -2.13 -10.46
N ASP B 167 -12.71 -2.27 -10.79
CA ASP B 167 -12.15 -1.47 -11.90
C ASP B 167 -12.83 -1.88 -13.20
N GLU B 168 -13.07 -3.18 -13.37
CA GLU B 168 -13.65 -3.70 -14.64
C GLU B 168 -15.06 -3.14 -14.86
N VAL B 169 -15.86 -2.94 -13.82
CA VAL B 169 -17.32 -2.63 -13.98
C VAL B 169 -17.60 -1.19 -13.57
N ALA B 170 -16.60 -0.42 -13.13
CA ALA B 170 -16.81 0.96 -12.63
C ALA B 170 -17.66 1.80 -13.60
N ARG B 171 -17.43 1.63 -14.91
CA ARG B 171 -18.08 2.47 -15.96
C ARG B 171 -19.60 2.23 -15.94
N THR B 172 -20.05 1.07 -15.46
CA THR B 172 -21.49 0.70 -15.40
C THR B 172 -22.21 1.42 -14.27
N GLY B 173 -21.47 2.05 -13.35
CA GLY B 173 -22.02 2.67 -12.14
C GLY B 173 -22.15 1.68 -10.99
N VAL B 174 -21.87 0.40 -11.21
CA VAL B 174 -21.89 -0.59 -10.10
C VAL B 174 -20.62 -0.38 -9.25
N GLN B 175 -20.77 -0.29 -7.93
CA GLN B 175 -19.64 -0.13 -6.97
C GLN B 175 -19.37 -1.48 -6.32
N VAL B 176 -18.09 -1.82 -6.19
CA VAL B 176 -17.67 -3.10 -5.57
C VAL B 176 -16.58 -2.71 -4.57
N ASN B 177 -16.84 -2.92 -3.28
CA ASN B 177 -15.89 -2.52 -2.21
C ASN B 177 -15.67 -3.68 -1.25
N ALA B 178 -14.60 -3.62 -0.46
CA ALA B 178 -14.30 -4.66 0.53
C ALA B 178 -14.06 -3.99 1.88
N VAL B 179 -14.43 -4.68 2.97
CA VAL B 179 -14.02 -4.34 4.35
C VAL B 179 -13.55 -5.61 5.01
N GLY B 180 -12.72 -5.49 6.05
CA GLY B 180 -12.19 -6.67 6.74
C GLY B 180 -11.93 -6.36 8.19
N THR B 181 -12.31 -7.30 9.05
CA THR B 181 -12.21 -7.14 10.51
C THR B 181 -11.08 -8.01 11.11
N ASN B 182 -10.76 -7.68 12.35
CA ASN B 182 -10.13 -8.59 13.32
C ASN B 182 -10.67 -8.18 14.69
N PHE B 183 -10.49 -9.00 15.70
CA PHE B 183 -10.81 -8.67 17.12
C PHE B 183 -12.25 -8.21 17.27
N MET B 184 -13.18 -8.93 16.64
CA MET B 184 -14.61 -8.65 16.75
C MET B 184 -15.23 -9.62 17.78
N ASP B 185 -16.21 -9.11 18.52
CA ASP B 185 -16.92 -9.86 19.58
C ASP B 185 -18.06 -10.63 18.91
N PHE B 186 -17.82 -11.89 18.58
CA PHE B 186 -18.82 -12.87 18.11
C PHE B 186 -18.28 -14.28 18.47
N PRO B 187 -19.19 -15.25 18.65
CA PRO B 187 -18.83 -16.62 19.08
C PRO B 187 -17.59 -17.29 18.47
N ALA B 188 -17.55 -17.40 17.15
CA ALA B 188 -16.49 -18.13 16.42
C ALA B 188 -15.12 -17.57 16.83
N PHE B 189 -14.98 -16.24 16.91
CA PHE B 189 -13.70 -15.60 17.31
C PHE B 189 -13.42 -15.87 18.80
N LEU B 190 -14.40 -15.67 19.67
CA LEU B 190 -14.21 -15.84 21.14
C LEU B 190 -13.72 -17.28 21.40
N LYS B 191 -14.33 -18.28 20.73
CA LYS B 191 -13.92 -19.70 20.86
C LYS B 191 -12.48 -19.88 20.37
N ALA B 192 -12.18 -19.50 19.13
CA ALA B 192 -10.84 -19.64 18.53
C ALA B 192 -9.78 -18.90 19.38
N SER B 193 -10.08 -17.68 19.82
CA SER B 193 -9.06 -16.88 20.53
C SER B 193 -8.91 -17.25 22.01
N GLY B 194 -9.86 -18.01 22.57
CA GLY B 194 -9.81 -18.26 24.03
C GLY B 194 -10.37 -17.07 24.77
N ALA B 195 -11.00 -16.14 24.05
CA ALA B 195 -11.56 -14.90 24.62
C ALA B 195 -12.71 -15.23 25.57
N ASN B 196 -13.28 -16.43 25.45
CA ASN B 196 -14.47 -16.75 26.29
C ASN B 196 -14.06 -16.63 27.76
N ASP B 197 -12.87 -17.08 28.15
CA ASP B 197 -12.45 -16.81 29.54
C ASP B 197 -12.29 -15.30 29.69
N PRO B 198 -12.80 -14.67 30.78
CA PRO B 198 -12.74 -13.21 30.89
C PRO B 198 -11.30 -12.69 30.95
N GLU B 199 -10.43 -13.39 31.70
CA GLU B 199 -9.01 -12.97 31.82
C GLU B 199 -8.32 -13.04 30.46
N VAL B 200 -8.60 -14.08 29.69
CA VAL B 200 -8.00 -14.24 28.32
C VAL B 200 -8.48 -13.09 27.45
N ARG B 201 -9.75 -12.69 27.59
CA ARG B 201 -10.30 -11.65 26.69
C ARG B 201 -9.49 -10.38 26.91
N ALA B 202 -9.11 -10.09 28.16
CA ALA B 202 -8.29 -8.89 28.45
C ALA B 202 -6.94 -9.02 27.72
N LYS B 203 -6.35 -10.22 27.70
CA LYS B 203 -5.08 -10.40 26.97
C LYS B 203 -5.27 -10.12 25.47
N ILE B 204 -6.38 -10.60 24.89
CA ILE B 204 -6.64 -10.40 23.43
C ILE B 204 -6.78 -8.91 23.17
N GLU B 205 -7.44 -8.19 24.07
CA GLU B 205 -7.67 -6.72 23.92
C GLU B 205 -6.33 -5.99 23.91
N SER B 206 -5.35 -6.47 24.69
CA SER B 206 -4.04 -5.79 24.80
C SER B 206 -3.39 -5.73 23.40
N GLN B 207 -3.58 -6.78 22.61
CA GLN B 207 -3.07 -6.78 21.22
C GLN B 207 -3.72 -5.63 20.44
N VAL B 208 -5.01 -5.35 20.67
CA VAL B 208 -5.74 -4.30 19.89
C VAL B 208 -5.30 -2.89 20.32
N PRO B 209 -4.88 -2.00 19.39
CA PRO B 209 -4.52 -0.62 19.72
C PRO B 209 -5.64 0.07 20.48
N MET B 210 -6.89 -0.15 20.09
CA MET B 210 -8.07 0.53 20.70
C MET B 210 -8.49 -0.19 21.99
N ARG B 211 -7.79 -1.27 22.36
CA ARG B 211 -7.87 -1.93 23.70
C ARG B 211 -9.25 -2.53 23.96
N ARG B 212 -9.96 -2.99 22.94
CA ARG B 212 -11.28 -3.62 23.11
C ARG B 212 -11.59 -4.47 21.87
N LEU B 213 -12.67 -5.23 21.90
CA LEU B 213 -13.18 -5.92 20.69
C LEU B 213 -14.28 -5.07 20.05
N GLY B 214 -14.49 -5.21 18.74
CA GLY B 214 -15.55 -4.47 18.06
C GLY B 214 -16.88 -5.19 18.13
N THR B 215 -17.96 -4.46 17.98
CA THR B 215 -19.32 -5.05 18.02
C THR B 215 -19.85 -5.30 16.62
N MET B 216 -20.75 -6.24 16.50
CA MET B 216 -21.48 -6.51 15.25
C MET B 216 -22.31 -5.27 14.93
N GLU B 217 -22.88 -4.62 15.95
CA GLU B 217 -23.77 -3.46 15.73
C GLU B 217 -22.98 -2.35 15.03
N GLU B 218 -21.80 -2.01 15.57
CA GLU B 218 -21.04 -0.83 15.08
C GLU B 218 -20.50 -1.19 13.68
N PHE B 219 -20.08 -2.44 13.47
CA PHE B 219 -19.55 -2.86 12.16
C PHE B 219 -20.67 -2.80 11.12
N SER B 220 -21.88 -3.24 11.46
CA SER B 220 -23.01 -3.23 10.50
C SER B 220 -23.31 -1.79 10.08
N ALA B 221 -23.18 -0.84 11.01
CA ALA B 221 -23.43 0.60 10.67
C ALA B 221 -22.36 1.07 9.68
N PHE B 222 -21.10 0.74 9.92
CA PHE B 222 -20.01 1.12 9.00
C PHE B 222 -20.30 0.59 7.60
N CYS B 223 -20.71 -0.69 7.52
CA CYS B 223 -20.97 -1.37 6.24
C CYS B 223 -22.01 -0.60 5.40
N MET B 224 -22.94 0.10 6.03
CA MET B 224 -24.00 0.84 5.29
C MET B 224 -23.41 1.96 4.42
N ALA B 225 -22.20 2.45 4.74
CA ALA B 225 -21.56 3.48 3.89
C ALA B 225 -21.38 2.96 2.45
N PHE B 226 -21.25 1.64 2.26
CA PHE B 226 -21.01 1.02 0.94
C PHE B 226 -22.25 0.30 0.39
N LEU B 227 -23.40 0.41 1.08
CA LEU B 227 -24.57 -0.44 0.74
C LEU B 227 -25.90 0.30 0.81
N ASP B 228 -26.00 1.45 1.50
CA ASP B 228 -27.37 2.00 1.77
C ASP B 228 -27.85 2.92 0.63
N GLY B 229 -27.06 3.14 -0.41
CA GLY B 229 -27.42 3.96 -1.59
C GLY B 229 -27.15 5.44 -1.37
N SER B 230 -26.78 5.86 -0.17
CA SER B 230 -26.58 7.29 0.18
C SER B 230 -25.26 7.81 -0.42
N SER B 231 -24.28 6.94 -0.64
CA SER B 231 -22.91 7.31 -1.10
C SER B 231 -22.55 6.40 -2.27
N ARG B 232 -22.33 6.91 -3.48
CA ARG B 232 -22.15 6.03 -4.67
C ARG B 232 -20.89 6.36 -5.48
N PHE B 233 -19.97 7.18 -4.98
CA PHE B 233 -18.82 7.60 -5.81
C PHE B 233 -17.51 6.99 -5.32
N THR B 234 -17.53 5.85 -4.64
CA THR B 234 -16.26 5.14 -4.40
C THR B 234 -16.42 3.65 -4.67
N THR B 235 -15.38 3.11 -5.28
CA THR B 235 -15.33 1.70 -5.65
C THR B 235 -13.89 1.22 -5.53
N GLY B 236 -13.71 -0.08 -5.44
CA GLY B 236 -12.34 -0.65 -5.33
C GLY B 236 -11.63 -0.30 -4.03
N GLN B 237 -12.36 0.06 -2.98
CA GLN B 237 -11.73 0.38 -1.68
C GLN B 237 -11.60 -0.90 -0.85
N PHE B 238 -10.56 -0.93 -0.02
CA PHE B 238 -10.51 -1.86 1.13
C PHE B 238 -10.36 -1.02 2.39
N VAL B 239 -11.24 -1.24 3.37
CA VAL B 239 -11.11 -0.56 4.68
C VAL B 239 -10.99 -1.64 5.75
N ALA B 240 -10.01 -1.50 6.62
CA ALA B 240 -9.86 -2.39 7.77
C ALA B 240 -10.76 -1.88 8.89
N TYR B 241 -11.23 -2.80 9.70
CA TYR B 241 -12.17 -2.56 10.80
C TYR B 241 -11.68 -3.44 11.93
N ALA B 242 -10.64 -3.02 12.63
CA ALA B 242 -9.86 -3.91 13.51
C ALA B 242 -9.23 -3.14 14.67
N GLY B 243 -9.87 -2.07 15.16
CA GLY B 243 -9.37 -1.30 16.32
C GLY B 243 -7.98 -0.72 16.12
N GLY B 244 -7.56 -0.46 14.88
CA GLY B 244 -6.26 0.15 14.55
C GLY B 244 -5.19 -0.91 14.34
N TRP B 245 -5.48 -2.20 14.51
CA TRP B 245 -4.52 -3.30 14.26
C TRP B 245 -4.09 -3.25 12.78
N ALA B 246 -5.02 -2.89 11.91
CA ALA B 246 -4.75 -2.60 10.48
C ALA B 246 -5.59 -1.38 10.05
N ASN C 3 33.46 6.62 -22.71
CA ASN C 3 34.08 7.14 -21.46
C ASN C 3 33.41 6.48 -20.25
N ARG C 4 33.84 6.81 -19.04
CA ARG C 4 33.32 6.16 -17.82
C ARG C 4 31.99 6.82 -17.48
N PRO C 5 31.00 6.04 -16.99
CA PRO C 5 29.77 6.62 -16.44
C PRO C 5 30.13 7.46 -15.20
N VAL C 6 29.29 8.44 -14.93
CA VAL C 6 29.53 9.41 -13.83
C VAL C 6 28.42 9.27 -12.79
N ALA C 7 28.78 9.26 -11.52
CA ALA C 7 27.86 9.15 -10.38
C ALA C 7 28.07 10.37 -9.49
N LEU C 8 26.97 10.99 -9.10
CA LEU C 8 26.94 12.02 -8.07
C LEU C 8 26.49 11.40 -6.75
N VAL C 9 27.32 11.47 -5.73
CA VAL C 9 26.96 11.13 -4.35
C VAL C 9 26.91 12.45 -3.60
N SER C 10 25.72 12.89 -3.23
CA SER C 10 25.50 14.29 -2.76
C SER C 10 26.26 14.59 -1.46
N ASP C 11 26.47 13.61 -0.59
CA ASP C 11 27.12 13.84 0.72
C ASP C 11 27.93 12.60 1.09
N THR C 12 29.26 12.73 1.19
CA THR C 12 30.16 11.62 1.62
C THR C 12 30.66 11.84 3.04
N ARG C 13 30.03 12.72 3.81
CA ARG C 13 30.52 13.02 5.18
C ARG C 13 30.00 12.01 6.19
N TYR C 14 28.86 11.38 5.93
CA TYR C 14 28.11 10.61 6.95
C TYR C 14 27.35 9.46 6.31
N TYR C 15 26.88 8.55 7.16
CA TYR C 15 25.87 7.51 6.78
C TYR C 15 26.45 6.69 5.64
N VAL C 16 25.67 6.45 4.60
CA VAL C 16 26.08 5.51 3.51
C VAL C 16 26.91 6.23 2.42
N GLY C 17 27.10 7.54 2.51
CA GLY C 17 27.81 8.30 1.48
C GLY C 17 29.15 7.70 1.07
N PRO C 18 30.09 7.51 2.01
CA PRO C 18 31.41 7.01 1.62
C PRO C 18 31.32 5.62 0.96
N ASP C 19 30.44 4.75 1.49
CA ASP C 19 30.29 3.37 0.96
C ASP C 19 29.66 3.41 -0.45
N LEU C 20 28.72 4.33 -0.71
CA LEU C 20 28.17 4.49 -2.07
C LEU C 20 29.31 4.86 -3.02
N ALA C 21 30.18 5.79 -2.62
CA ALA C 21 31.31 6.20 -3.47
C ALA C 21 32.18 4.95 -3.78
N ARG C 22 32.41 4.10 -2.80
CA ARG C 22 33.27 2.90 -2.95
C ARG C 22 32.61 1.93 -3.93
N ARG C 23 31.30 1.72 -3.80
CA ARG C 23 30.56 0.79 -4.69
C ARG C 23 30.61 1.32 -6.13
N PHE C 24 30.42 2.62 -6.33
CA PHE C 24 30.47 3.21 -7.69
C PHE C 24 31.87 3.03 -8.29
N ALA C 25 32.92 3.23 -7.50
CA ALA C 25 34.32 3.11 -8.01
C ALA C 25 34.55 1.65 -8.42
N GLU C 26 34.07 0.72 -7.61
CA GLU C 26 34.18 -0.74 -7.92
C GLU C 26 33.48 -1.03 -9.25
N LYS C 27 32.37 -0.35 -9.53
CA LYS C 27 31.52 -0.57 -10.73
C LYS C 27 32.10 0.20 -11.92
N GLY C 28 33.24 0.89 -11.78
CA GLY C 28 33.91 1.57 -12.93
C GLY C 28 33.39 2.97 -13.22
N PHE C 29 32.77 3.63 -12.23
CA PHE C 29 32.26 5.02 -12.38
C PHE C 29 33.33 6.06 -12.05
N ASP C 30 33.27 7.21 -12.68
CA ASP C 30 33.93 8.44 -12.17
C ASP C 30 32.95 9.11 -11.20
N LEU C 31 33.45 9.95 -10.31
CA LEU C 31 32.65 10.39 -9.12
C LEU C 31 32.65 11.91 -8.98
N VAL C 32 31.48 12.46 -8.69
CA VAL C 32 31.27 13.83 -8.17
C VAL C 32 30.73 13.64 -6.75
N LEU C 33 31.44 14.12 -5.74
CA LEU C 33 31.19 13.78 -4.33
C LEU C 33 31.04 15.04 -3.50
N GLY C 34 30.02 15.06 -2.62
CA GLY C 34 29.87 16.16 -1.66
C GLY C 34 30.85 16.04 -0.51
N ASP C 35 31.75 16.99 -0.37
CA ASP C 35 32.64 17.16 0.82
C ASP C 35 33.38 15.86 1.19
N PRO C 36 34.07 15.21 0.23
CA PRO C 36 34.86 14.03 0.58
C PRO C 36 36.13 14.42 1.34
N SER C 37 36.53 13.56 2.27
CA SER C 37 37.83 13.69 2.96
C SER C 37 38.92 13.39 1.94
N PRO C 38 40.11 14.01 2.13
CA PRO C 38 41.27 13.64 1.32
C PRO C 38 41.57 12.14 1.38
N ASN C 39 41.40 11.53 2.54
CA ASN C 39 41.59 10.07 2.72
C ASN C 39 40.63 9.31 1.78
N LEU C 40 39.37 9.70 1.70
CA LEU C 40 38.42 9.00 0.80
C LEU C 40 38.77 9.28 -0.65
N VAL C 41 39.16 10.51 -1.00
CA VAL C 41 39.56 10.84 -2.39
C VAL C 41 40.71 9.90 -2.79
N SER C 42 41.72 9.82 -1.95
CA SER C 42 42.93 8.99 -2.23
C SER C 42 42.48 7.53 -2.41
N GLU C 43 41.65 7.04 -1.50
CA GLU C 43 41.17 5.63 -1.57
C GLU C 43 40.50 5.40 -2.93
N LEU C 44 39.61 6.29 -3.34
CA LEU C 44 38.83 6.09 -4.58
C LEU C 44 39.75 6.24 -5.79
N GLU C 45 40.75 7.12 -5.72
CA GLU C 45 41.76 7.30 -6.80
C GLU C 45 42.47 5.95 -6.99
N SER C 46 42.79 5.29 -5.89
CA SER C 46 43.55 4.01 -5.91
C SER C 46 42.68 2.95 -6.61
N MET C 47 41.35 3.11 -6.60
CA MET C 47 40.42 2.13 -7.21
C MET C 47 40.20 2.49 -8.68
N GLY C 48 40.92 3.48 -9.22
CA GLY C 48 40.83 3.82 -10.65
C GLY C 48 39.78 4.87 -10.99
N ALA C 49 39.16 5.52 -10.00
CA ALA C 49 38.12 6.55 -10.25
C ALA C 49 38.71 7.96 -10.32
N ARG C 50 38.21 8.77 -11.24
CA ARG C 50 38.48 10.23 -11.26
C ARG C 50 37.48 10.88 -10.30
N ILE C 51 37.92 11.82 -9.49
CA ILE C 51 37.07 12.40 -8.41
C ILE C 51 36.96 13.91 -8.60
N VAL C 52 35.74 14.44 -8.56
CA VAL C 52 35.47 15.90 -8.50
C VAL C 52 34.79 16.18 -7.18
N PRO C 53 35.52 16.71 -6.18
CA PRO C 53 34.92 17.11 -4.91
C PRO C 53 34.11 18.39 -5.08
N VAL C 54 32.92 18.44 -4.49
CA VAL C 54 32.11 19.69 -4.40
C VAL C 54 32.03 20.07 -2.92
N THR C 55 32.42 21.31 -2.58
CA THR C 55 32.53 21.75 -1.17
C THR C 55 31.33 22.63 -0.78
N GLY C 56 30.68 22.27 0.30
CA GLY C 56 29.77 23.18 0.99
C GLY C 56 28.34 23.10 0.50
N HIS C 57 28.03 22.23 -0.46
CA HIS C 57 26.69 22.10 -1.07
C HIS C 57 25.95 20.85 -0.59
N SER C 58 26.50 20.09 0.35
CA SER C 58 26.04 18.71 0.63
C SER C 58 24.72 18.75 1.41
N ASP C 59 24.31 19.87 2.01
CA ASP C 59 23.00 19.94 2.70
C ASP C 59 21.87 20.18 1.70
N LEU C 60 22.17 20.51 0.44
CA LEU C 60 21.12 20.71 -0.59
C LEU C 60 20.09 21.71 -0.03
N SER C 61 20.56 22.76 0.65
CA SER C 61 19.70 23.74 1.38
C SER C 61 19.03 24.75 0.44
N SER C 62 19.37 24.75 -0.85
CA SER C 62 18.80 25.68 -1.86
C SER C 62 18.80 24.99 -3.21
N PRO C 63 17.98 25.45 -4.18
CA PRO C 63 18.11 25.00 -5.56
C PRO C 63 19.55 25.19 -6.08
N GLU C 64 20.18 26.28 -5.64
CA GLU C 64 21.54 26.64 -6.13
C GLU C 64 22.54 25.54 -5.75
N SER C 65 22.41 24.95 -4.56
CA SER C 65 23.39 23.92 -4.10
C SER C 65 23.20 22.64 -4.90
N ALA C 66 21.94 22.26 -5.16
CA ALA C 66 21.66 21.05 -6.01
C ALA C 66 22.19 21.32 -7.41
N GLN C 67 21.96 22.53 -7.93
CA GLN C 67 22.43 22.88 -9.30
C GLN C 67 23.97 22.85 -9.34
N ALA C 68 24.63 23.30 -8.27
CA ALA C 68 26.10 23.32 -8.24
C ALA C 68 26.64 21.88 -8.37
N GLN C 69 25.98 20.93 -7.72
CA GLN C 69 26.43 19.51 -7.74
C GLN C 69 26.23 18.96 -9.15
N ALA C 70 25.07 19.23 -9.75
CA ALA C 70 24.75 18.78 -11.12
C ALA C 70 25.72 19.45 -12.11
N ASP C 71 25.97 20.75 -11.94
CA ASP C 71 26.88 21.48 -12.87
C ASP C 71 28.31 20.95 -12.74
N ALA C 72 28.74 20.54 -11.55
CA ALA C 72 30.09 19.98 -11.34
C ALA C 72 30.29 18.73 -12.18
N ALA C 73 29.29 17.86 -12.24
CA ALA C 73 29.33 16.68 -13.12
C ALA C 73 29.50 17.10 -14.57
N LEU C 74 28.62 17.96 -15.09
CA LEU C 74 28.63 18.28 -16.54
C LEU C 74 29.94 19.00 -16.88
N SER C 75 30.38 19.93 -16.03
CA SER C 75 31.60 20.73 -16.26
C SER C 75 32.79 19.79 -16.37
N ALA C 76 32.90 18.84 -15.46
CA ALA C 76 34.07 17.96 -15.38
C ALA C 76 33.98 16.87 -16.47
N PHE C 77 32.83 16.22 -16.62
CA PHE C 77 32.74 14.95 -17.36
C PHE C 77 31.80 15.03 -18.58
N GLY C 78 30.97 16.05 -18.70
CA GLY C 78 29.96 16.23 -19.75
C GLY C 78 28.85 15.18 -19.72
N ARG C 79 28.64 14.52 -18.58
CA ARG C 79 27.57 13.50 -18.43
C ARG C 79 27.26 13.33 -16.94
N LEU C 80 26.08 12.81 -16.64
CA LEU C 80 25.68 12.43 -15.27
C LEU C 80 24.75 11.22 -15.40
N ASP C 81 25.28 10.05 -15.10
CA ASP C 81 24.56 8.77 -15.35
C ASP C 81 23.77 8.36 -14.12
N SER C 82 24.30 8.62 -12.93
CA SER C 82 23.68 8.16 -11.66
C SER C 82 23.76 9.27 -10.62
N ALA C 83 22.74 9.39 -9.80
CA ALA C 83 22.72 10.42 -8.74
C ALA C 83 21.97 9.89 -7.53
N VAL C 84 22.53 10.08 -6.36
CA VAL C 84 21.97 9.55 -5.09
C VAL C 84 22.16 10.60 -4.02
N MET C 85 21.17 10.72 -3.14
CA MET C 85 21.27 11.60 -1.97
C MET C 85 20.53 10.97 -0.82
N PHE C 86 20.81 11.46 0.36
CA PHE C 86 20.05 11.23 1.61
C PHE C 86 19.99 12.56 2.35
N SER C 87 19.07 12.68 3.29
CA SER C 87 18.90 13.98 3.99
C SER C 87 18.07 13.76 5.27
N GLY C 88 18.06 14.77 6.12
CA GLY C 88 17.10 14.79 7.23
C GLY C 88 17.70 14.27 8.52
N GLN C 89 17.07 14.62 9.63
CA GLN C 89 17.50 14.15 10.97
C GLN C 89 16.25 13.70 11.75
N ILE C 90 16.39 12.63 12.52
CA ILE C 90 15.27 12.03 13.33
C ILE C 90 14.74 13.16 14.22
N VAL C 91 13.42 13.31 14.34
CA VAL C 91 12.78 14.17 15.37
C VAL C 91 11.80 13.27 16.09
N THR C 92 11.88 13.20 17.42
CA THR C 92 11.04 12.27 18.21
C THR C 92 10.19 13.05 19.20
N GLY C 93 9.13 12.41 19.67
CA GLY C 93 8.25 12.98 20.69
C GLY C 93 6.80 12.79 20.34
N ARG C 94 5.97 12.77 21.36
CA ARG C 94 4.51 12.58 21.20
C ARG C 94 3.97 13.73 20.35
N PHE C 95 3.03 13.42 19.45
CA PHE C 95 2.32 14.45 18.64
C PHE C 95 1.78 15.57 19.54
N VAL C 96 1.12 15.19 20.64
CA VAL C 96 0.44 16.18 21.54
C VAL C 96 1.47 17.06 22.24
N ASN C 97 2.75 16.69 22.21
CA ASN C 97 3.80 17.55 22.81
C ASN C 97 4.60 18.26 21.72
N SER C 98 4.23 18.07 20.45
CA SER C 98 5.01 18.63 19.33
C SER C 98 4.65 20.10 19.04
N THR C 99 5.43 20.77 18.21
CA THR C 99 5.14 22.16 17.74
C THR C 99 5.10 22.24 16.22
N ILE C 100 4.40 23.22 15.67
CA ILE C 100 4.43 23.56 14.21
C ILE C 100 5.86 23.85 13.75
N ASP C 101 6.70 24.48 14.58
CA ASP C 101 8.10 24.78 14.17
C ASP C 101 8.82 23.44 13.88
N GLN C 102 8.64 22.45 14.74
CA GLN C 102 9.25 21.10 14.55
C GLN C 102 8.75 20.55 13.22
N LEU C 103 7.46 20.67 12.94
CA LEU C 103 6.92 20.14 11.67
C LEU C 103 7.62 20.84 10.51
N ARG C 104 7.79 22.16 10.57
CA ARG C 104 8.43 22.96 9.50
C ARG C 104 9.90 22.54 9.35
N GLN C 105 10.61 22.36 10.44
CA GLN C 105 12.05 22.02 10.39
C GLN C 105 12.23 20.63 9.77
N VAL C 106 11.40 19.64 10.14
CA VAL C 106 11.59 18.27 9.61
C VAL C 106 11.26 18.26 8.11
N PHE C 107 10.31 19.08 7.68
CA PHE C 107 9.94 19.20 6.26
C PHE C 107 11.15 19.67 5.43
N VAL C 108 11.92 20.63 5.96
CA VAL C 108 13.08 21.20 5.19
C VAL C 108 14.04 20.05 4.90
N GLY C 109 14.47 19.38 5.95
CA GLY C 109 15.49 18.34 5.81
C GLY C 109 14.98 17.16 4.99
N CYS C 110 13.72 16.78 5.18
CA CYS C 110 13.22 15.48 4.64
C CYS C 110 12.53 15.66 3.30
N VAL C 111 12.08 16.87 2.96
CA VAL C 111 11.36 17.07 1.68
C VAL C 111 12.03 18.15 0.80
N GLU C 112 12.42 19.31 1.37
CA GLU C 112 13.00 20.38 0.52
C GLU C 112 14.30 19.86 -0.09
N ALA C 113 15.12 19.15 0.68
CA ALA C 113 16.43 18.63 0.19
C ALA C 113 16.25 17.71 -1.01
N PRO C 114 15.43 16.62 -0.93
CA PRO C 114 15.23 15.81 -2.13
C PRO C 114 14.51 16.53 -3.27
N TYR C 115 13.56 17.44 -2.97
CA TYR C 115 12.95 18.29 -4.01
C TYR C 115 14.06 19.02 -4.78
N ASN C 116 14.97 19.67 -4.05
CA ASN C 116 16.04 20.48 -4.69
C ASN C 116 16.93 19.58 -5.55
N PHE C 117 17.26 18.38 -5.07
CA PHE C 117 18.15 17.44 -5.79
C PHE C 117 17.49 17.06 -7.11
N MET C 118 16.23 16.58 -7.04
CA MET C 118 15.53 16.11 -8.26
C MET C 118 15.28 17.30 -9.21
N ARG C 119 14.99 18.49 -8.70
CA ARG C 119 14.66 19.65 -9.57
C ARG C 119 15.89 20.01 -10.40
N ALA C 120 17.09 19.83 -9.85
CA ALA C 120 18.35 20.06 -10.59
C ALA C 120 18.70 18.87 -11.50
N VAL C 121 18.67 17.64 -10.97
CA VAL C 121 19.27 16.47 -11.65
C VAL C 121 18.34 15.99 -12.76
N VAL C 122 17.03 15.98 -12.54
CA VAL C 122 16.09 15.37 -13.50
C VAL C 122 16.25 16.00 -14.88
N PRO C 123 16.22 17.35 -15.00
CA PRO C 123 16.30 18.00 -16.31
C PRO C 123 17.62 17.68 -17.03
N VAL C 124 18.71 17.56 -16.29
CA VAL C 124 20.01 17.11 -16.87
C VAL C 124 19.81 15.75 -17.53
N MET C 125 19.20 14.81 -16.83
CA MET C 125 19.16 13.42 -17.33
C MET C 125 18.09 13.28 -18.43
N THR C 126 16.95 13.94 -18.31
CA THR C 126 15.85 13.81 -19.31
C THR C 126 16.37 14.29 -20.67
N GLU C 127 17.18 15.34 -20.69
CA GLU C 127 17.73 15.84 -21.99
C GLU C 127 18.71 14.79 -22.53
N ARG C 128 19.33 13.97 -21.68
CA ARG C 128 20.24 12.90 -22.17
C ARG C 128 19.49 11.60 -22.41
N GLU C 129 18.18 11.55 -22.10
CA GLU C 129 17.31 10.37 -22.33
C GLU C 129 17.87 9.10 -21.66
N ALA C 130 18.56 9.27 -20.54
CA ALA C 130 19.10 8.19 -19.71
C ALA C 130 19.43 8.71 -18.33
N GLY C 131 19.41 7.82 -17.36
CA GLY C 131 19.98 8.12 -16.03
C GLY C 131 19.22 7.42 -14.91
N GLN C 132 19.91 7.26 -13.80
CA GLN C 132 19.36 6.57 -12.62
C GLN C 132 19.47 7.49 -11.42
N ILE C 133 18.34 7.74 -10.77
CA ILE C 133 18.32 8.58 -9.53
C ILE C 133 17.81 7.71 -8.39
N LEU C 134 18.50 7.75 -7.26
CA LEU C 134 18.02 7.06 -6.06
C LEU C 134 17.90 8.12 -4.98
N ILE C 135 16.67 8.33 -4.50
CA ILE C 135 16.44 9.22 -3.34
C ILE C 135 16.32 8.34 -2.13
N ILE C 136 17.25 8.48 -1.20
CA ILE C 136 17.13 7.77 0.08
C ILE C 136 16.25 8.62 0.98
N THR C 137 15.07 8.12 1.31
CA THR C 137 14.12 8.81 2.21
C THR C 137 14.25 8.11 3.56
N SER C 138 13.27 7.29 3.94
CA SER C 138 13.25 6.59 5.26
C SER C 138 12.19 5.48 5.25
N ALA C 139 12.43 4.41 5.97
CA ALA C 139 11.41 3.38 6.21
C ALA C 139 10.31 3.97 7.09
N SER C 140 10.61 5.05 7.83
CA SER C 140 9.59 5.69 8.69
C SER C 140 8.50 6.33 7.83
N GLY C 141 8.78 6.60 6.56
CA GLY C 141 7.77 7.14 5.63
C GLY C 141 6.73 6.11 5.21
N ALA C 142 6.99 4.82 5.44
CA ALA C 142 6.14 3.75 4.87
C ALA C 142 5.11 3.27 5.90
N ARG C 143 5.18 3.72 7.14
CA ARG C 143 4.29 3.20 8.19
C ARG C 143 4.29 4.16 9.36
N PRO C 144 3.21 4.17 10.18
CA PRO C 144 3.26 4.88 11.46
C PRO C 144 4.52 4.50 12.22
N THR C 145 5.21 5.46 12.79
CA THR C 145 6.51 5.25 13.46
C THR C 145 6.37 5.69 14.91
N PRO C 146 6.26 4.73 15.85
CA PRO C 146 6.07 5.10 17.26
C PRO C 146 7.20 6.01 17.71
N GLY C 147 6.79 7.14 18.27
CA GLY C 147 7.70 8.18 18.80
C GLY C 147 8.19 9.19 17.77
N ALA C 148 7.90 9.03 16.46
CA ALA C 148 8.40 9.99 15.45
C ALA C 148 7.29 10.31 14.43
N PRO C 149 6.11 10.79 14.90
CA PRO C 149 4.98 10.96 14.00
C PRO C 149 5.23 12.02 12.92
N LEU C 150 5.85 13.13 13.29
CA LEU C 150 6.06 14.24 12.33
C LEU C 150 7.08 13.79 11.30
N TYR C 151 8.17 13.19 11.78
CA TYR C 151 9.24 12.65 10.91
C TYR C 151 8.63 11.67 9.88
N SER C 152 7.85 10.72 10.38
CA SER C 152 7.22 9.70 9.53
C SER C 152 6.40 10.42 8.45
N SER C 153 5.58 11.42 8.83
CA SER C 153 4.69 12.11 7.88
C SER C 153 5.48 12.77 6.75
N VAL C 154 6.54 13.51 7.06
CA VAL C 154 7.28 14.23 6.00
C VAL C 154 8.08 13.24 5.14
N ARG C 155 8.61 12.15 5.72
CA ARG C 155 9.29 11.09 4.93
C ARG C 155 8.28 10.52 3.90
N ALA C 156 7.00 10.40 4.27
CA ALA C 156 5.99 9.87 3.32
C ALA C 156 5.84 10.83 2.14
N ALA C 157 5.89 12.13 2.40
CA ALA C 157 5.84 13.13 1.30
C ALA C 157 7.02 12.92 0.35
N ALA C 158 8.22 12.75 0.89
CA ALA C 158 9.42 12.59 0.04
C ALA C 158 9.27 11.36 -0.85
N THR C 159 8.84 10.25 -0.30
CA THR C 159 8.65 9.02 -1.08
C THR C 159 7.59 9.27 -2.16
N MET C 160 6.48 9.93 -1.82
CA MET C 160 5.40 10.14 -2.81
C MET C 160 5.90 11.13 -3.87
N LEU C 161 6.76 12.08 -3.50
CA LEU C 161 7.31 13.00 -4.51
C LEU C 161 8.13 12.18 -5.50
N VAL C 162 8.97 11.28 -5.00
CA VAL C 162 9.75 10.38 -5.89
C VAL C 162 8.82 9.66 -6.87
N LYS C 163 7.76 9.06 -6.38
CA LYS C 163 6.82 8.29 -7.25
C LYS C 163 6.19 9.21 -8.28
N ASN C 164 5.90 10.44 -7.92
CA ASN C 164 5.30 11.43 -8.84
C ASN C 164 6.32 11.84 -9.92
N VAL C 165 7.55 12.09 -9.54
CA VAL C 165 8.62 12.51 -10.51
C VAL C 165 8.89 11.33 -11.45
N ALA C 166 8.99 10.13 -10.89
CA ALA C 166 9.24 8.92 -11.69
C ALA C 166 8.15 8.83 -12.79
N ASP C 167 6.88 8.95 -12.41
CA ASP C 167 5.77 8.75 -13.37
C ASP C 167 5.87 9.83 -14.46
N GLU C 168 6.15 11.06 -14.07
CA GLU C 168 6.23 12.20 -15.03
C GLU C 168 7.34 11.93 -16.05
N VAL C 169 8.49 11.36 -15.67
CA VAL C 169 9.68 11.31 -16.57
C VAL C 169 9.95 9.90 -17.10
N ALA C 170 9.10 8.92 -16.76
CA ALA C 170 9.33 7.51 -17.18
C ALA C 170 9.51 7.39 -18.71
N ARG C 171 8.78 8.16 -19.51
CA ARG C 171 8.88 8.03 -21.01
C ARG C 171 10.28 8.42 -21.51
N THR C 172 11.07 9.17 -20.73
CA THR C 172 12.45 9.60 -21.10
C THR C 172 13.49 8.51 -20.90
N GLY C 173 13.18 7.42 -20.17
CA GLY C 173 14.16 6.37 -19.82
C GLY C 173 14.86 6.69 -18.50
N VAL C 174 14.68 7.89 -17.96
CA VAL C 174 15.26 8.22 -16.61
C VAL C 174 14.46 7.45 -15.55
N GLN C 175 15.15 6.75 -14.67
CA GLN C 175 14.52 6.03 -13.55
C GLN C 175 14.71 6.86 -12.28
N VAL C 176 13.68 6.90 -11.47
CA VAL C 176 13.71 7.62 -10.17
C VAL C 176 13.08 6.68 -9.15
N ASN C 177 13.87 6.23 -8.18
CA ASN C 177 13.43 5.23 -7.19
C ASN C 177 13.79 5.77 -5.80
N ALA C 178 13.17 5.20 -4.79
CA ALA C 178 13.45 5.54 -3.37
C ALA C 178 13.77 4.26 -2.59
N VAL C 179 14.65 4.38 -1.60
CA VAL C 179 14.85 3.34 -0.56
C VAL C 179 14.90 4.05 0.77
N GLY C 180 14.53 3.36 1.82
CA GLY C 180 14.45 4.00 3.15
C GLY C 180 14.83 3.03 4.20
N THR C 181 15.68 3.47 5.14
CA THR C 181 16.18 2.60 6.21
C THR C 181 15.56 2.95 7.56
N ASN C 182 15.75 2.03 8.47
CA ASN C 182 15.64 2.26 9.94
C ASN C 182 16.65 1.29 10.53
N PHE C 183 17.04 1.50 11.79
CA PHE C 183 17.84 0.50 12.54
C PHE C 183 19.16 0.24 11.82
N MET C 184 19.80 1.27 11.29
CA MET C 184 21.14 1.13 10.68
C MET C 184 22.22 1.49 11.71
N ASP C 185 23.33 0.75 11.66
CA ASP C 185 24.50 0.95 12.57
C ASP C 185 25.36 2.07 11.98
N PHE C 186 25.16 3.30 12.43
CA PHE C 186 26.07 4.44 12.12
C PHE C 186 26.01 5.34 13.35
N PRO C 187 27.05 6.17 13.59
CA PRO C 187 27.16 6.96 14.83
C PRO C 187 25.93 7.81 15.23
N ALA C 188 25.35 8.57 14.30
CA ALA C 188 24.21 9.47 14.59
C ALA C 188 23.05 8.65 15.14
N PHE C 189 22.82 7.45 14.61
CA PHE C 189 21.68 6.63 15.08
C PHE C 189 22.01 6.08 16.47
N LEU C 190 23.22 5.56 16.65
CA LEU C 190 23.63 4.99 17.96
C LEU C 190 23.46 6.10 19.02
N LYS C 191 23.78 7.35 18.64
CA LYS C 191 23.69 8.53 19.57
C LYS C 191 22.23 8.81 19.90
N ALA C 192 21.40 9.03 18.88
CA ALA C 192 19.96 9.33 19.04
C ALA C 192 19.32 8.21 19.85
N SER C 193 19.69 6.95 19.59
CA SER C 193 18.99 5.77 20.14
C SER C 193 19.53 5.46 21.54
N GLY C 194 20.76 5.90 21.85
CA GLY C 194 21.51 5.45 23.04
C GLY C 194 22.01 4.02 22.89
N ALA C 195 22.07 3.49 21.67
CA ALA C 195 22.48 2.09 21.38
C ALA C 195 23.99 1.93 21.47
N ASN C 196 24.74 2.97 21.88
CA ASN C 196 26.15 2.80 22.33
C ASN C 196 26.14 1.92 23.59
N ASP C 197 25.09 1.95 24.40
CA ASP C 197 24.90 1.01 25.52
C ASP C 197 24.40 -0.32 24.97
N PRO C 198 25.05 -1.48 25.27
CA PRO C 198 24.65 -2.76 24.67
C PRO C 198 23.23 -3.19 25.06
N GLU C 199 22.79 -2.91 26.29
CA GLU C 199 21.43 -3.31 26.72
C GLU C 199 20.40 -2.43 26.01
N VAL C 200 20.71 -1.13 25.82
CA VAL C 200 19.82 -0.23 25.04
C VAL C 200 19.79 -0.78 23.61
N ARG C 201 20.97 -1.16 23.10
CA ARG C 201 21.07 -1.71 21.72
C ARG C 201 20.23 -2.98 21.60
N ALA C 202 20.24 -3.85 22.61
CA ALA C 202 19.44 -5.10 22.60
C ALA C 202 17.94 -4.75 22.56
N LYS C 203 17.51 -3.75 23.33
CA LYS C 203 16.08 -3.33 23.32
C LYS C 203 15.72 -2.79 21.92
N ILE C 204 16.63 -2.02 21.32
CA ILE C 204 16.40 -1.47 19.95
C ILE C 204 16.28 -2.62 18.96
N GLU C 205 17.21 -3.57 19.02
CA GLU C 205 17.25 -4.72 18.09
C GLU C 205 15.99 -5.59 18.23
N SER C 206 15.42 -5.66 19.44
CA SER C 206 14.18 -6.42 19.72
C SER C 206 13.04 -5.89 18.85
N GLN C 207 13.09 -4.62 18.44
CA GLN C 207 12.01 -3.99 17.65
C GLN C 207 12.10 -4.47 16.18
N VAL C 208 13.25 -5.02 15.79
CA VAL C 208 13.60 -5.37 14.38
C VAL C 208 13.29 -6.85 14.17
N PRO C 209 12.45 -7.20 13.20
CA PRO C 209 12.17 -8.62 12.97
C PRO C 209 13.48 -9.41 12.84
N MET C 210 14.48 -8.87 12.13
CA MET C 210 15.76 -9.60 11.90
C MET C 210 16.69 -9.49 13.10
N ARG C 211 16.31 -8.76 14.14
CA ARG C 211 16.99 -8.81 15.47
C ARG C 211 18.45 -8.36 15.38
N ARG C 212 18.73 -7.31 14.62
CA ARG C 212 20.09 -6.75 14.47
C ARG C 212 19.94 -5.40 13.79
N LEU C 213 21.04 -4.69 13.67
CA LEU C 213 21.15 -3.41 12.95
C LEU C 213 21.79 -3.67 11.59
N GLY C 214 21.51 -2.80 10.62
CA GLY C 214 22.04 -2.95 9.27
C GLY C 214 23.39 -2.27 9.14
N THR C 215 24.21 -2.69 8.19
CA THR C 215 25.53 -2.04 7.99
C THR C 215 25.47 -1.09 6.79
N MET C 216 26.31 -0.06 6.84
CA MET C 216 26.51 0.84 5.67
C MET C 216 26.98 0.02 4.46
N GLU C 217 27.86 -0.96 4.64
CA GLU C 217 28.43 -1.71 3.50
C GLU C 217 27.30 -2.46 2.77
N GLU C 218 26.48 -3.19 3.51
CA GLU C 218 25.44 -4.02 2.86
C GLU C 218 24.36 -3.12 2.26
N PHE C 219 24.05 -2.00 2.90
CA PHE C 219 23.08 -1.03 2.35
C PHE C 219 23.61 -0.44 1.04
N SER C 220 24.90 -0.11 1.00
CA SER C 220 25.48 0.50 -0.22
C SER C 220 25.37 -0.48 -1.39
N ALA C 221 25.57 -1.77 -1.13
CA ALA C 221 25.48 -2.82 -2.17
C ALA C 221 24.04 -2.86 -2.69
N PHE C 222 23.06 -2.82 -1.80
CA PHE C 222 21.64 -2.84 -2.20
C PHE C 222 21.35 -1.67 -3.15
N CYS C 223 21.79 -0.48 -2.79
CA CYS C 223 21.53 0.76 -3.55
C CYS C 223 22.04 0.66 -4.99
N MET C 224 23.08 -0.15 -5.23
CA MET C 224 23.62 -0.31 -6.61
C MET C 224 22.59 -0.94 -7.56
N ALA C 225 21.59 -1.69 -7.06
CA ALA C 225 20.54 -2.21 -7.97
C ALA C 225 19.83 -1.07 -8.69
N PHE C 226 19.76 0.14 -8.10
CA PHE C 226 19.06 1.30 -8.66
C PHE C 226 20.02 2.30 -9.30
N LEU C 227 21.33 2.03 -9.30
CA LEU C 227 22.32 3.09 -9.64
C LEU C 227 23.46 2.61 -10.54
N ASP C 228 23.74 1.31 -10.62
CA ASP C 228 25.01 0.86 -11.23
C ASP C 228 24.85 0.67 -12.75
N GLY C 229 23.67 0.89 -13.31
CA GLY C 229 23.41 0.80 -14.77
C GLY C 229 23.10 -0.62 -15.25
N SER C 230 23.26 -1.65 -14.40
CA SER C 230 23.02 -3.07 -14.77
C SER C 230 21.52 -3.36 -14.90
N SER C 231 20.67 -2.65 -14.17
CA SER C 231 19.20 -2.87 -14.15
C SER C 231 18.50 -1.54 -14.47
N ARG C 232 17.68 -1.45 -15.52
CA ARG C 232 17.12 -0.13 -15.93
C ARG C 232 15.63 -0.14 -16.18
N PHE C 233 14.90 -1.19 -15.81
CA PHE C 233 13.48 -1.27 -16.21
C PHE C 233 12.54 -1.15 -15.01
N THR C 234 12.99 -0.51 -13.92
CA THR C 234 12.03 -0.16 -12.86
C THR C 234 12.22 1.29 -12.43
N THR C 235 11.10 1.89 -12.12
CA THR C 235 11.05 3.29 -11.67
C THR C 235 9.84 3.44 -10.75
N GLY C 236 9.86 4.46 -9.90
CA GLY C 236 8.72 4.77 -9.02
C GLY C 236 8.59 3.78 -7.87
N GLN C 237 9.64 3.03 -7.54
CA GLN C 237 9.60 2.04 -6.46
C GLN C 237 9.99 2.72 -5.16
N PHE C 238 9.45 2.20 -4.06
CA PHE C 238 10.02 2.41 -2.70
C PHE C 238 10.31 1.04 -2.11
N VAL C 239 11.53 0.83 -1.68
CA VAL C 239 11.89 -0.43 -0.97
C VAL C 239 12.37 -0.05 0.42
N ALA C 240 11.85 -0.72 1.44
CA ALA C 240 12.32 -0.51 2.83
C ALA C 240 13.57 -1.35 3.04
N TYR C 241 14.48 -0.87 3.88
CA TYR C 241 15.74 -1.54 4.20
C TYR C 241 15.91 -1.42 5.71
N ALA C 242 15.19 -2.24 6.46
CA ALA C 242 14.97 -2.00 7.91
C ALA C 242 14.71 -3.34 8.62
N GLY C 243 15.38 -4.40 8.16
CA GLY C 243 15.35 -5.70 8.84
C GLY C 243 13.94 -6.27 8.95
N GLY C 244 13.06 -5.95 8.00
CA GLY C 244 11.67 -6.44 8.03
C GLY C 244 10.71 -5.55 8.81
N TRP C 245 11.19 -4.48 9.45
CA TRP C 245 10.32 -3.56 10.24
C TRP C 245 9.31 -2.84 9.34
N ALA C 246 9.66 -2.63 8.06
CA ALA C 246 8.77 -2.16 6.98
C ALA C 246 9.23 -2.86 5.69
N ASN D 3 -28.24 15.03 26.92
CA ASN D 3 -27.13 15.87 26.39
C ASN D 3 -26.78 15.41 24.97
N ARG D 4 -27.01 16.28 23.98
CA ARG D 4 -26.76 16.00 22.54
C ARG D 4 -25.25 15.99 22.26
N PRO D 5 -24.76 15.13 21.34
CA PRO D 5 -23.33 15.15 20.98
C PRO D 5 -23.02 16.42 20.19
N VAL D 6 -21.75 16.79 20.13
CA VAL D 6 -21.28 18.07 19.52
C VAL D 6 -20.29 17.74 18.37
N ALA D 7 -20.49 18.32 17.21
CA ALA D 7 -19.57 18.20 16.04
C ALA D 7 -18.98 19.58 15.73
N LEU D 8 -17.70 19.61 15.40
CA LEU D 8 -17.01 20.79 14.82
C LEU D 8 -16.82 20.56 13.32
N VAL D 9 -17.37 21.43 12.50
CA VAL D 9 -17.07 21.49 11.06
C VAL D 9 -16.23 22.75 10.84
N SER D 10 -14.93 22.59 10.57
CA SER D 10 -13.94 23.69 10.55
C SER D 10 -14.34 24.77 9.53
N ASP D 11 -14.92 24.41 8.40
CA ASP D 11 -15.24 25.35 7.31
C ASP D 11 -16.54 24.93 6.63
N THR D 12 -17.56 25.78 6.68
CA THR D 12 -18.87 25.55 6.01
C THR D 12 -19.04 26.54 4.84
N ARG D 13 -17.97 27.18 4.39
CA ARG D 13 -18.06 28.13 3.25
C ARG D 13 -17.98 27.43 1.90
N TYR D 14 -17.36 26.25 1.79
CA TYR D 14 -17.07 25.66 0.47
C TYR D 14 -17.10 24.14 0.55
N TYR D 15 -17.02 23.52 -0.62
CA TYR D 15 -16.77 22.06 -0.74
C TYR D 15 -17.86 21.35 0.06
N VAL D 16 -17.50 20.39 0.90
CA VAL D 16 -18.49 19.51 1.59
C VAL D 16 -18.92 20.10 2.94
N GLY D 17 -18.44 21.28 3.33
CA GLY D 17 -18.69 21.78 4.69
C GLY D 17 -20.17 21.91 4.99
N PRO D 18 -20.96 22.62 4.14
CA PRO D 18 -22.37 22.82 4.44
C PRO D 18 -23.10 21.48 4.52
N ASP D 19 -22.74 20.56 3.61
CA ASP D 19 -23.36 19.20 3.55
C ASP D 19 -23.02 18.40 4.80
N LEU D 20 -21.78 18.47 5.28
CA LEU D 20 -21.41 17.83 6.57
C LEU D 20 -22.30 18.38 7.69
N ALA D 21 -22.48 19.70 7.77
CA ALA D 21 -23.31 20.29 8.84
C ALA D 21 -24.74 19.72 8.77
N ARG D 22 -25.29 19.60 7.58
CA ARG D 22 -26.67 19.08 7.37
C ARG D 22 -26.72 17.62 7.84
N ARG D 23 -25.75 16.78 7.42
CA ARG D 23 -25.77 15.36 7.85
C ARG D 23 -25.72 15.34 9.39
N PHE D 24 -24.86 16.13 10.01
CA PHE D 24 -24.72 16.12 11.49
C PHE D 24 -26.06 16.50 12.14
N ALA D 25 -26.72 17.55 11.62
CA ALA D 25 -28.00 18.04 12.15
C ALA D 25 -29.01 16.90 12.05
N GLU D 26 -29.05 16.20 10.90
CA GLU D 26 -29.95 15.05 10.65
C GLU D 26 -29.70 13.97 11.72
N LYS D 27 -28.45 13.82 12.20
CA LYS D 27 -28.07 12.76 13.16
C LYS D 27 -28.21 13.24 14.61
N GLY D 28 -28.84 14.39 14.85
CA GLY D 28 -29.09 14.86 16.23
C GLY D 28 -27.89 15.46 16.93
N PHE D 29 -26.99 16.10 16.17
CA PHE D 29 -25.79 16.78 16.71
C PHE D 29 -26.06 18.28 16.89
N ASP D 30 -25.52 18.86 17.95
CA ASP D 30 -25.35 20.34 18.00
C ASP D 30 -24.05 20.66 17.26
N LEU D 31 -23.90 21.87 16.75
CA LEU D 31 -22.78 22.17 15.81
C LEU D 31 -21.99 23.41 16.22
N VAL D 32 -20.67 23.31 16.16
CA VAL D 32 -19.70 24.44 16.08
C VAL D 32 -19.23 24.51 14.63
N LEU D 33 -19.49 25.62 13.93
CA LEU D 33 -19.21 25.70 12.48
C LEU D 33 -18.29 26.88 12.19
N GLY D 34 -17.35 26.70 11.25
CA GLY D 34 -16.55 27.80 10.68
C GLY D 34 -17.36 28.60 9.67
N ASP D 35 -17.69 29.85 10.01
CA ASP D 35 -18.27 30.83 9.05
C ASP D 35 -19.50 30.31 8.33
N PRO D 36 -20.55 29.83 9.05
CA PRO D 36 -21.78 29.47 8.37
C PRO D 36 -22.56 30.70 7.87
N SER D 37 -23.17 30.58 6.70
CA SER D 37 -24.07 31.61 6.13
C SER D 37 -25.31 31.69 7.00
N PRO D 38 -26.01 32.87 7.05
CA PRO D 38 -27.27 32.97 7.76
C PRO D 38 -28.32 31.98 7.23
N ASN D 39 -28.31 31.71 5.91
CA ASN D 39 -29.21 30.71 5.29
C ASN D 39 -28.95 29.33 5.89
N LEU D 40 -27.67 28.95 6.02
CA LEU D 40 -27.31 27.62 6.56
C LEU D 40 -27.69 27.54 8.04
N VAL D 41 -27.36 28.57 8.82
CA VAL D 41 -27.70 28.60 10.27
C VAL D 41 -29.22 28.42 10.43
N SER D 42 -30.01 29.14 9.62
CA SER D 42 -31.49 29.07 9.68
C SER D 42 -31.94 27.64 9.39
N GLU D 43 -31.40 27.06 8.32
CA GLU D 43 -31.75 25.70 7.85
C GLU D 43 -31.46 24.72 8.99
N LEU D 44 -30.24 24.75 9.53
CA LEU D 44 -29.80 23.77 10.57
C LEU D 44 -30.62 23.99 11.85
N GLU D 45 -30.93 25.24 12.21
CA GLU D 45 -31.75 25.53 13.42
C GLU D 45 -33.17 25.00 13.21
N SER D 46 -33.69 25.07 11.99
CA SER D 46 -35.05 24.54 11.65
C SER D 46 -35.02 23.02 11.80
N MET D 47 -33.86 22.40 11.57
CA MET D 47 -33.67 20.94 11.74
C MET D 47 -33.52 20.61 13.24
N GLY D 48 -33.57 21.62 14.11
CA GLY D 48 -33.59 21.40 15.57
C GLY D 48 -32.19 21.37 16.20
N ALA D 49 -31.18 21.87 15.50
CA ALA D 49 -29.77 21.89 16.00
C ALA D 49 -29.38 23.25 16.60
N ARG D 50 -28.72 23.25 17.76
CA ARG D 50 -28.09 24.49 18.29
C ARG D 50 -26.79 24.76 17.54
N ILE D 51 -26.58 25.98 17.05
CA ILE D 51 -25.43 26.34 16.17
C ILE D 51 -24.55 27.37 16.85
N VAL D 52 -23.26 27.09 16.98
CA VAL D 52 -22.27 28.04 17.55
C VAL D 52 -21.32 28.43 16.43
N PRO D 53 -21.55 29.59 15.76
CA PRO D 53 -20.70 30.03 14.66
C PRO D 53 -19.35 30.48 15.19
N VAL D 54 -18.29 30.15 14.46
CA VAL D 54 -16.93 30.67 14.74
C VAL D 54 -16.48 31.35 13.45
N THR D 55 -16.16 32.64 13.52
CA THR D 55 -15.77 33.43 12.33
C THR D 55 -14.26 33.58 12.29
N GLY D 56 -13.69 33.52 11.10
CA GLY D 56 -12.35 34.04 10.85
C GLY D 56 -11.23 33.03 10.97
N HIS D 57 -11.50 31.82 11.49
CA HIS D 57 -10.44 30.81 11.80
C HIS D 57 -10.59 29.61 10.85
N SER D 58 -11.40 29.72 9.81
CA SER D 58 -11.81 28.56 8.97
C SER D 58 -10.63 28.10 8.12
N ASP D 59 -9.58 28.89 7.98
CA ASP D 59 -8.40 28.51 7.17
C ASP D 59 -7.44 27.66 8.01
N LEU D 60 -7.62 27.61 9.33
CA LEU D 60 -6.76 26.86 10.29
C LEU D 60 -5.29 27.19 10.06
N SER D 61 -4.98 28.45 9.78
CA SER D 61 -3.64 28.88 9.32
C SER D 61 -2.69 29.04 10.51
N SER D 62 -3.21 28.94 11.73
CA SER D 62 -2.40 29.08 12.97
C SER D 62 -2.84 28.05 14.02
N PRO D 63 -1.95 27.68 14.98
CA PRO D 63 -2.35 26.93 16.16
C PRO D 63 -3.52 27.62 16.86
N GLU D 64 -3.50 28.96 16.91
CA GLU D 64 -4.54 29.79 17.56
C GLU D 64 -5.91 29.58 16.91
N SER D 65 -5.97 29.51 15.57
CA SER D 65 -7.27 29.38 14.84
C SER D 65 -7.93 28.06 15.23
N ALA D 66 -7.16 26.98 15.22
CA ALA D 66 -7.69 25.64 15.54
C ALA D 66 -8.11 25.62 17.01
N GLN D 67 -7.27 26.19 17.88
CA GLN D 67 -7.57 26.24 19.34
C GLN D 67 -8.87 27.03 19.58
N ALA D 68 -9.08 28.13 18.84
CA ALA D 68 -10.29 28.95 18.93
C ALA D 68 -11.53 28.09 18.62
N GLN D 69 -11.47 27.21 17.61
CA GLN D 69 -12.65 26.40 17.24
C GLN D 69 -12.89 25.38 18.35
N ALA D 70 -11.84 24.72 18.85
CA ALA D 70 -11.95 23.71 19.92
C ALA D 70 -12.47 24.38 21.20
N ASP D 71 -11.93 25.56 21.53
CA ASP D 71 -12.30 26.30 22.78
C ASP D 71 -13.78 26.69 22.69
N ALA D 72 -14.27 26.99 21.48
CA ALA D 72 -15.67 27.39 21.26
C ALA D 72 -16.60 26.23 21.65
N ALA D 73 -16.27 25.02 21.25
CA ALA D 73 -17.06 23.83 21.62
C ALA D 73 -17.13 23.71 23.15
N LEU D 74 -15.98 23.74 23.81
CA LEU D 74 -15.91 23.56 25.27
C LEU D 74 -16.73 24.66 25.94
N SER D 75 -16.63 25.90 25.47
CA SER D 75 -17.33 27.05 26.10
C SER D 75 -18.84 26.89 25.95
N ALA D 76 -19.36 26.65 24.74
CA ALA D 76 -20.80 26.50 24.53
C ALA D 76 -21.31 25.19 25.14
N PHE D 77 -20.63 24.06 24.93
CA PHE D 77 -21.24 22.72 25.19
C PHE D 77 -20.46 21.90 26.20
N GLY D 78 -19.21 22.24 26.53
CA GLY D 78 -18.39 21.52 27.54
C GLY D 78 -17.88 20.19 27.00
N ARG D 79 -18.04 19.96 25.71
CA ARG D 79 -17.67 18.65 25.09
C ARG D 79 -17.44 18.82 23.58
N LEU D 80 -16.72 17.85 22.99
CA LEU D 80 -16.51 17.78 21.53
C LEU D 80 -16.44 16.31 21.08
N ASP D 81 -17.48 15.84 20.40
CA ASP D 81 -17.63 14.40 20.10
C ASP D 81 -17.06 14.07 18.72
N SER D 82 -17.21 14.97 17.76
CA SER D 82 -16.79 14.75 16.35
C SER D 82 -16.14 16.03 15.82
N ALA D 83 -15.11 15.87 15.00
CA ALA D 83 -14.41 17.03 14.41
C ALA D 83 -13.97 16.65 13.00
N VAL D 84 -14.21 17.54 12.05
CA VAL D 84 -13.89 17.31 10.63
C VAL D 84 -13.36 18.60 10.02
N MET D 85 -12.36 18.47 9.17
CA MET D 85 -11.73 19.60 8.46
C MET D 85 -11.34 19.14 7.05
N PHE D 86 -11.21 20.10 6.16
CA PHE D 86 -10.57 19.99 4.83
C PHE D 86 -9.74 21.26 4.67
N SER D 87 -8.74 21.21 3.81
CA SER D 87 -7.84 22.37 3.59
C SER D 87 -7.15 22.24 2.24
N GLY D 88 -6.45 23.31 1.84
CA GLY D 88 -5.50 23.21 0.72
C GLY D 88 -6.12 23.56 -0.61
N GLN D 89 -5.26 23.97 -1.53
CA GLN D 89 -5.69 24.36 -2.89
C GLN D 89 -4.90 23.51 -3.87
N ILE D 90 -5.54 23.08 -4.96
CA ILE D 90 -4.89 22.29 -6.02
C ILE D 90 -3.81 23.18 -6.62
N VAL D 91 -2.59 22.68 -6.68
CA VAL D 91 -1.49 23.32 -7.44
C VAL D 91 -1.16 22.37 -8.58
N THR D 92 -1.17 22.84 -9.82
CA THR D 92 -0.87 21.99 -10.99
C THR D 92 0.37 22.51 -11.70
N GLY D 93 0.96 21.63 -12.50
CA GLY D 93 2.08 21.94 -13.41
C GLY D 93 3.16 20.89 -13.29
N ARG D 94 3.96 20.73 -14.33
CA ARG D 94 5.01 19.69 -14.41
C ARG D 94 6.02 19.93 -13.29
N PHE D 95 6.53 18.86 -12.67
CA PHE D 95 7.60 18.96 -11.65
C PHE D 95 8.78 19.78 -12.16
N VAL D 96 9.17 19.52 -13.41
CA VAL D 96 10.38 20.13 -14.04
C VAL D 96 10.18 21.63 -14.25
N ASN D 97 8.95 22.13 -14.06
CA ASN D 97 8.67 23.57 -14.23
C ASN D 97 8.29 24.18 -12.87
N SER D 98 8.33 23.37 -11.81
CA SER D 98 7.89 23.83 -10.47
C SER D 98 8.99 24.59 -9.73
N THR D 99 8.65 25.16 -8.57
CA THR D 99 9.59 25.91 -7.72
C THR D 99 9.46 25.42 -6.27
N ILE D 100 10.51 25.62 -5.50
CA ILE D 100 10.49 25.37 -4.03
C ILE D 100 9.38 26.21 -3.37
N ASP D 101 9.13 27.44 -3.80
CA ASP D 101 8.07 28.28 -3.19
C ASP D 101 6.69 27.61 -3.34
N GLN D 102 6.42 27.00 -4.48
CA GLN D 102 5.14 26.29 -4.69
C GLN D 102 5.06 25.10 -3.72
N LEU D 103 6.16 24.36 -3.53
CA LEU D 103 6.19 23.24 -2.59
C LEU D 103 5.87 23.76 -1.19
N ARG D 104 6.50 24.86 -0.80
CA ARG D 104 6.32 25.49 0.54
C ARG D 104 4.84 25.89 0.73
N GLN D 105 4.25 26.52 -0.28
CA GLN D 105 2.85 26.99 -0.19
C GLN D 105 1.87 25.82 -0.06
N VAL D 106 2.09 24.76 -0.82
CA VAL D 106 1.13 23.62 -0.85
C VAL D 106 1.29 22.83 0.47
N PHE D 107 2.49 22.79 1.01
CA PHE D 107 2.73 22.23 2.35
C PHE D 107 1.90 22.95 3.43
N VAL D 108 1.88 24.28 3.39
CA VAL D 108 1.11 25.08 4.38
C VAL D 108 -0.36 24.69 4.32
N GLY D 109 -0.96 24.72 3.12
CA GLY D 109 -2.39 24.44 2.98
C GLY D 109 -2.75 23.00 3.31
N CYS D 110 -1.88 22.06 2.94
CA CYS D 110 -2.24 20.61 2.91
C CYS D 110 -1.73 19.92 4.18
N VAL D 111 -0.75 20.47 4.88
CA VAL D 111 -0.16 19.74 6.04
C VAL D 111 -0.25 20.58 7.30
N GLU D 112 0.10 21.87 7.22
CA GLU D 112 0.10 22.72 8.45
C GLU D 112 -1.33 22.76 8.99
N ALA D 113 -2.34 22.92 8.13
CA ALA D 113 -3.75 23.10 8.55
C ALA D 113 -4.26 21.86 9.29
N PRO D 114 -4.09 20.64 8.72
CA PRO D 114 -4.49 19.45 9.47
C PRO D 114 -3.65 19.23 10.73
N TYR D 115 -2.36 19.57 10.70
CA TYR D 115 -1.49 19.52 11.90
C TYR D 115 -2.13 20.38 12.98
N ASN D 116 -2.43 21.64 12.65
CA ASN D 116 -3.00 22.59 13.62
C ASN D 116 -4.31 22.05 14.16
N PHE D 117 -5.20 21.56 13.29
CA PHE D 117 -6.52 21.05 13.72
C PHE D 117 -6.36 19.91 14.73
N MET D 118 -5.52 18.91 14.41
CA MET D 118 -5.35 17.74 15.31
C MET D 118 -4.62 18.16 16.60
N ARG D 119 -3.70 19.11 16.50
CA ARG D 119 -2.91 19.55 17.67
C ARG D 119 -3.89 20.18 18.67
N ALA D 120 -4.94 20.84 18.21
CA ALA D 120 -5.93 21.48 19.10
C ALA D 120 -6.99 20.47 19.53
N VAL D 121 -7.54 19.70 18.60
CA VAL D 121 -8.73 18.85 18.89
C VAL D 121 -8.30 17.58 19.65
N VAL D 122 -7.17 16.95 19.28
CA VAL D 122 -6.83 15.62 19.86
C VAL D 122 -6.79 15.70 21.40
N PRO D 123 -6.05 16.67 22.02
CA PRO D 123 -5.97 16.78 23.49
C PRO D 123 -7.33 16.90 24.17
N VAL D 124 -8.25 17.62 23.54
CA VAL D 124 -9.64 17.78 24.05
C VAL D 124 -10.30 16.40 24.12
N MET D 125 -10.19 15.60 23.06
CA MET D 125 -10.88 14.29 22.99
C MET D 125 -10.18 13.24 23.87
N THR D 126 -8.86 13.21 23.89
CA THR D 126 -8.12 12.19 24.67
C THR D 126 -8.46 12.38 26.16
N GLU D 127 -8.64 13.63 26.60
CA GLU D 127 -9.10 13.94 27.99
C GLU D 127 -10.41 13.22 28.30
N ARG D 128 -11.36 13.19 27.37
CA ARG D 128 -12.70 12.59 27.59
C ARG D 128 -12.69 11.12 27.18
N GLU D 129 -11.54 10.57 26.77
CA GLU D 129 -11.42 9.14 26.36
C GLU D 129 -12.53 8.79 25.35
N ALA D 130 -12.86 9.70 24.43
CA ALA D 130 -13.92 9.52 23.41
C ALA D 130 -13.78 10.59 22.32
N GLY D 131 -14.11 10.22 21.08
CA GLY D 131 -14.20 11.20 20.00
C GLY D 131 -13.83 10.64 18.65
N GLN D 132 -14.39 11.25 17.62
CA GLN D 132 -14.10 10.89 16.21
C GLN D 132 -13.57 12.11 15.46
N ILE D 133 -12.43 11.93 14.84
CA ILE D 133 -11.79 12.98 13.98
C ILE D 133 -11.73 12.45 12.57
N LEU D 134 -12.20 13.24 11.61
CA LEU D 134 -11.98 12.95 10.20
C LEU D 134 -11.19 14.11 9.60
N ILE D 135 -10.01 13.80 9.09
CA ILE D 135 -9.20 14.75 8.31
C ILE D 135 -9.42 14.42 6.84
N ILE D 136 -9.98 15.35 6.08
CA ILE D 136 -10.18 15.20 4.64
C ILE D 136 -8.88 15.64 4.01
N THR D 137 -8.14 14.73 3.40
CA THR D 137 -6.83 15.03 2.78
C THR D 137 -7.14 15.09 1.29
N SER D 138 -6.67 14.14 0.52
CA SER D 138 -6.98 14.05 -0.93
C SER D 138 -6.69 12.64 -1.43
N ALA D 139 -7.40 12.21 -2.46
CA ALA D 139 -7.07 10.95 -3.17
C ALA D 139 -5.75 11.11 -3.90
N SER D 140 -5.32 12.35 -4.18
CA SER D 140 -4.01 12.60 -4.84
C SER D 140 -2.86 12.18 -3.95
N GLY D 141 -3.10 12.10 -2.62
CA GLY D 141 -2.05 11.64 -1.68
C GLY D 141 -1.78 10.15 -1.76
N ALA D 142 -2.65 9.39 -2.43
CA ALA D 142 -2.57 7.92 -2.41
C ALA D 142 -1.81 7.39 -3.63
N ARG D 143 -1.52 8.23 -4.61
CA ARG D 143 -0.95 7.75 -5.88
C ARG D 143 -0.32 8.90 -6.64
N PRO D 144 0.63 8.62 -7.54
CA PRO D 144 1.13 9.63 -8.45
C PRO D 144 -0.06 10.26 -9.19
N THR D 145 -0.05 11.58 -9.26
CA THR D 145 -1.15 12.40 -9.80
C THR D 145 -0.58 13.19 -10.96
N PRO D 146 -0.79 12.74 -12.21
CA PRO D 146 -0.26 13.47 -13.36
C PRO D 146 -0.72 14.93 -13.33
N GLY D 147 0.23 15.85 -13.49
CA GLY D 147 0.01 17.31 -13.50
C GLY D 147 -0.05 17.93 -12.11
N ALA D 148 -0.01 17.15 -11.02
CA ALA D 148 -0.05 17.73 -9.66
C ALA D 148 0.90 16.98 -8.75
N PRO D 149 2.21 16.92 -9.11
CA PRO D 149 3.16 16.12 -8.35
C PRO D 149 3.44 16.67 -6.94
N LEU D 150 3.50 17.99 -6.80
CA LEU D 150 3.81 18.57 -5.46
C LEU D 150 2.58 18.40 -4.55
N TYR D 151 1.40 18.71 -5.07
CA TYR D 151 0.14 18.56 -4.32
C TYR D 151 0.00 17.11 -3.82
N SER D 152 0.23 16.16 -4.70
CA SER D 152 0.15 14.72 -4.38
C SER D 152 1.11 14.42 -3.21
N SER D 153 2.36 14.89 -3.30
CA SER D 153 3.41 14.62 -2.28
C SER D 153 2.98 15.12 -0.90
N VAL D 154 2.52 16.37 -0.79
CA VAL D 154 2.21 16.92 0.56
C VAL D 154 0.90 16.27 1.08
N ARG D 155 -0.04 15.91 0.19
CA ARG D 155 -1.25 15.21 0.66
C ARG D 155 -0.86 13.86 1.25
N ALA D 156 0.19 13.23 0.75
CA ALA D 156 0.64 11.94 1.32
C ALA D 156 1.16 12.16 2.75
N ALA D 157 1.83 13.27 3.02
CA ALA D 157 2.27 13.61 4.38
C ALA D 157 1.06 13.74 5.30
N ALA D 158 0.02 14.47 4.87
CA ALA D 158 -1.17 14.71 5.70
C ALA D 158 -1.78 13.37 6.06
N THR D 159 -1.97 12.50 5.08
CA THR D 159 -2.57 11.18 5.33
C THR D 159 -1.69 10.36 6.29
N MET D 160 -0.36 10.38 6.10
CA MET D 160 0.53 9.62 7.01
C MET D 160 0.56 10.26 8.39
N LEU D 161 0.39 11.58 8.48
CA LEU D 161 0.30 12.21 9.84
C LEU D 161 -0.93 11.68 10.58
N VAL D 162 -2.05 11.60 9.87
CA VAL D 162 -3.30 11.05 10.45
C VAL D 162 -3.04 9.63 10.95
N LYS D 163 -2.37 8.80 10.15
CA LYS D 163 -2.11 7.39 10.57
C LYS D 163 -1.22 7.37 11.82
N ASN D 164 -0.25 8.26 11.91
CA ASN D 164 0.67 8.38 13.07
C ASN D 164 -0.10 8.84 14.31
N VAL D 165 -0.91 9.89 14.17
CA VAL D 165 -1.69 10.40 15.33
C VAL D 165 -2.65 9.28 15.77
N ALA D 166 -3.31 8.62 14.81
CA ALA D 166 -4.27 7.55 15.15
C ALA D 166 -3.59 6.50 16.04
N ASP D 167 -2.41 6.04 15.62
CA ASP D 167 -1.71 4.95 16.35
C ASP D 167 -1.34 5.46 17.75
N GLU D 168 -0.94 6.72 17.86
CA GLU D 168 -0.52 7.30 19.16
C GLU D 168 -1.70 7.28 20.15
N VAL D 169 -2.92 7.62 19.72
CA VAL D 169 -4.05 7.92 20.65
C VAL D 169 -5.08 6.80 20.63
N ALA D 170 -4.83 5.71 19.89
CA ALA D 170 -5.81 4.61 19.76
C ALA D 170 -6.25 4.10 21.16
N ARG D 171 -5.34 4.02 22.13
CA ARG D 171 -5.64 3.40 23.45
C ARG D 171 -6.67 4.24 24.21
N THR D 172 -6.81 5.51 23.86
CA THR D 172 -7.76 6.46 24.54
C THR D 172 -9.18 6.26 24.00
N GLY D 173 -9.35 5.53 22.88
CA GLY D 173 -10.66 5.35 22.24
C GLY D 173 -10.97 6.42 21.21
N VAL D 174 -10.13 7.45 21.14
CA VAL D 174 -10.30 8.52 20.11
C VAL D 174 -9.92 7.91 18.76
N GLN D 175 -10.78 8.04 17.77
CA GLN D 175 -10.52 7.55 16.38
C GLN D 175 -10.08 8.73 15.53
N VAL D 176 -9.05 8.51 14.71
CA VAL D 176 -8.57 9.55 13.75
C VAL D 176 -8.43 8.87 12.39
N ASN D 177 -9.25 9.28 11.45
CA ASN D 177 -9.32 8.68 10.11
C ASN D 177 -9.15 9.77 9.08
N ALA D 178 -8.85 9.37 7.84
CA ALA D 178 -8.71 10.28 6.70
C ALA D 178 -9.55 9.77 5.54
N VAL D 179 -10.12 10.68 4.76
CA VAL D 179 -10.68 10.38 3.41
C VAL D 179 -10.19 11.43 2.44
N GLY D 180 -10.20 11.12 1.16
CA GLY D 180 -9.64 12.06 0.18
C GLY D 180 -10.36 11.89 -1.13
N THR D 181 -10.75 13.02 -1.73
CA THR D 181 -11.49 13.01 -2.99
C THR D 181 -10.60 13.36 -4.18
N ASN D 182 -11.11 13.08 -5.36
CA ASN D 182 -10.69 13.67 -6.64
C ASN D 182 -11.96 13.71 -7.48
N PHE D 183 -11.97 14.49 -8.57
CA PHE D 183 -13.08 14.48 -9.56
C PHE D 183 -14.40 14.74 -8.85
N MET D 184 -14.45 15.74 -7.98
CA MET D 184 -15.70 16.12 -7.29
C MET D 184 -16.29 17.35 -7.99
N ASP D 185 -17.60 17.38 -8.10
CA ASP D 185 -18.36 18.52 -8.69
C ASP D 185 -18.46 19.66 -7.68
N PHE D 186 -17.42 20.50 -7.58
CA PHE D 186 -17.48 21.79 -6.84
C PHE D 186 -16.66 22.82 -7.62
N PRO D 187 -16.95 24.13 -7.44
CA PRO D 187 -16.36 25.21 -8.26
C PRO D 187 -14.83 25.17 -8.36
N ALA D 188 -14.16 25.08 -7.20
CA ALA D 188 -12.69 25.08 -7.10
C ALA D 188 -12.09 24.03 -8.04
N PHE D 189 -12.57 22.78 -7.99
CA PHE D 189 -12.01 21.66 -8.80
C PHE D 189 -12.10 21.97 -10.30
N LEU D 190 -13.27 22.40 -10.77
CA LEU D 190 -13.51 22.69 -12.21
C LEU D 190 -12.45 23.68 -12.70
N LYS D 191 -12.19 24.75 -11.92
CA LYS D 191 -11.20 25.79 -12.27
C LYS D 191 -9.82 25.14 -12.44
N ALA D 192 -9.36 24.37 -11.46
CA ALA D 192 -8.00 23.76 -11.49
C ALA D 192 -7.88 22.79 -12.67
N SER D 193 -8.91 21.99 -12.95
CA SER D 193 -8.88 20.97 -14.02
C SER D 193 -9.10 21.60 -15.40
N GLY D 194 -9.58 22.85 -15.46
CA GLY D 194 -10.07 23.48 -16.69
C GLY D 194 -11.31 22.75 -17.20
N ALA D 195 -11.94 21.96 -16.33
CA ALA D 195 -13.16 21.17 -16.64
C ALA D 195 -14.35 22.11 -16.84
N ASN D 196 -14.17 23.42 -16.67
CA ASN D 196 -15.21 24.41 -17.00
C ASN D 196 -15.46 24.32 -18.51
N ASP D 197 -14.40 24.17 -19.32
CA ASP D 197 -14.52 23.90 -20.78
C ASP D 197 -15.10 22.50 -20.95
N PRO D 198 -16.24 22.32 -21.66
CA PRO D 198 -16.89 21.01 -21.73
C PRO D 198 -15.95 19.99 -22.40
N GLU D 199 -15.11 20.44 -23.35
CA GLU D 199 -14.22 19.52 -24.09
C GLU D 199 -13.26 18.89 -23.09
N VAL D 200 -12.66 19.70 -22.22
CA VAL D 200 -11.76 19.23 -21.12
C VAL D 200 -12.61 18.39 -20.15
N ARG D 201 -13.86 18.83 -19.84
CA ARG D 201 -14.77 18.14 -18.89
C ARG D 201 -14.91 16.67 -19.31
N ALA D 202 -15.30 16.44 -20.57
CA ALA D 202 -15.50 15.06 -21.05
C ALA D 202 -14.18 14.31 -20.96
N LYS D 203 -13.08 14.98 -21.28
CA LYS D 203 -11.76 14.31 -21.13
C LYS D 203 -11.58 14.01 -19.63
N ILE D 204 -11.96 14.93 -18.75
CA ILE D 204 -11.82 14.72 -17.27
C ILE D 204 -12.70 13.54 -16.80
N GLU D 205 -13.95 13.44 -17.26
CA GLU D 205 -14.85 12.34 -16.85
C GLU D 205 -14.22 11.03 -17.36
N SER D 206 -13.69 11.06 -18.58
CA SER D 206 -12.90 9.89 -19.04
C SER D 206 -11.67 9.94 -18.14
N GLN D 207 -11.07 8.81 -17.79
CA GLN D 207 -9.94 8.78 -16.81
C GLN D 207 -10.54 8.69 -15.41
N VAL D 208 -11.87 8.77 -15.32
CA VAL D 208 -12.54 8.55 -14.01
C VAL D 208 -13.28 7.23 -14.18
N PRO D 209 -12.82 6.11 -13.59
CA PRO D 209 -13.48 4.82 -13.84
C PRO D 209 -15.01 4.79 -13.80
N MET D 210 -15.66 5.57 -12.94
CA MET D 210 -17.13 5.59 -12.84
C MET D 210 -17.68 6.65 -13.80
N ARG D 211 -16.79 7.26 -14.58
CA ARG D 211 -17.14 8.12 -15.76
C ARG D 211 -18.07 9.26 -15.34
N ARG D 212 -17.85 9.88 -14.19
CA ARG D 212 -18.67 11.03 -13.74
C ARG D 212 -17.90 11.79 -12.67
N LEU D 213 -18.46 12.89 -12.20
CA LEU D 213 -17.93 13.60 -11.02
C LEU D 213 -18.80 13.27 -9.81
N GLY D 214 -18.22 13.35 -8.62
CA GLY D 214 -18.93 13.03 -7.37
C GLY D 214 -19.64 14.25 -6.84
N THR D 215 -20.67 14.04 -6.03
CA THR D 215 -21.47 15.15 -5.47
C THR D 215 -21.07 15.40 -4.01
N MET D 216 -21.19 16.64 -3.57
CA MET D 216 -20.96 17.02 -2.15
C MET D 216 -21.92 16.23 -1.26
N GLU D 217 -23.16 16.00 -1.70
CA GLU D 217 -24.21 15.34 -0.88
C GLU D 217 -23.77 13.90 -0.57
N GLU D 218 -23.34 13.17 -1.58
CA GLU D 218 -23.06 11.71 -1.42
C GLU D 218 -21.75 11.56 -0.63
N PHE D 219 -20.80 12.46 -0.84
CA PHE D 219 -19.53 12.49 -0.07
C PHE D 219 -19.82 12.77 1.41
N SER D 220 -20.68 13.73 1.74
CA SER D 220 -21.03 14.03 3.14
C SER D 220 -21.62 12.80 3.84
N ALA D 221 -22.50 12.05 3.16
CA ALA D 221 -23.10 10.81 3.68
C ALA D 221 -21.98 9.81 4.01
N PHE D 222 -21.02 9.65 3.09
CA PHE D 222 -19.90 8.70 3.29
C PHE D 222 -19.13 9.09 4.57
N CYS D 223 -18.86 10.39 4.74
CA CYS D 223 -18.03 10.89 5.86
C CYS D 223 -18.67 10.56 7.21
N MET D 224 -20.01 10.49 7.27
CA MET D 224 -20.69 10.19 8.56
C MET D 224 -20.25 8.82 9.12
N ALA D 225 -19.78 7.91 8.27
CA ALA D 225 -19.32 6.58 8.76
C ALA D 225 -18.15 6.76 9.74
N PHE D 226 -17.41 7.87 9.66
CA PHE D 226 -16.27 8.16 10.56
C PHE D 226 -16.61 9.21 11.61
N LEU D 227 -17.85 9.75 11.64
CA LEU D 227 -18.15 10.95 12.43
C LEU D 227 -19.47 10.87 13.21
N ASP D 228 -20.41 10.00 12.84
CA ASP D 228 -21.78 10.09 13.41
C ASP D 228 -21.92 9.30 14.72
N GLY D 229 -20.86 8.67 15.20
CA GLY D 229 -20.86 7.91 16.46
C GLY D 229 -21.42 6.49 16.33
N SER D 230 -21.96 6.11 15.18
CA SER D 230 -22.60 4.77 15.01
C SER D 230 -21.52 3.69 14.85
N SER D 231 -20.33 4.06 14.40
CA SER D 231 -19.24 3.08 14.11
C SER D 231 -17.96 3.59 14.80
N ARG D 232 -17.38 2.86 15.76
CA ARG D 232 -16.25 3.43 16.54
C ARG D 232 -15.03 2.50 16.58
N PHE D 233 -14.99 1.42 15.81
CA PHE D 233 -13.90 0.43 15.99
C PHE D 233 -12.89 0.46 14.85
N THR D 234 -12.74 1.58 14.14
CA THR D 234 -11.62 1.69 13.18
C THR D 234 -10.95 3.05 13.34
N THR D 235 -9.65 3.07 13.17
CA THR D 235 -8.82 4.28 13.28
C THR D 235 -7.64 4.09 12.34
N GLY D 236 -7.00 5.20 11.96
CA GLY D 236 -5.82 5.15 11.09
C GLY D 236 -6.13 4.71 9.68
N GLN D 237 -7.37 4.81 9.24
CA GLN D 237 -7.73 4.44 7.86
C GLN D 237 -7.56 5.61 6.92
N PHE D 238 -7.25 5.31 5.66
CA PHE D 238 -7.43 6.27 4.55
C PHE D 238 -8.33 5.62 3.53
N VAL D 239 -9.41 6.28 3.19
CA VAL D 239 -10.32 5.82 2.12
C VAL D 239 -10.38 6.87 1.00
N ALA D 240 -10.20 6.45 -0.24
CA ALA D 240 -10.30 7.33 -1.42
C ALA D 240 -11.77 7.43 -1.81
N TYR D 241 -12.16 8.59 -2.32
CA TYR D 241 -13.55 8.87 -2.75
C TYR D 241 -13.45 9.59 -4.09
N ALA D 242 -13.16 8.85 -5.16
CA ALA D 242 -12.66 9.40 -6.45
C ALA D 242 -13.13 8.55 -7.62
N GLY D 243 -14.33 7.99 -7.56
CA GLY D 243 -14.93 7.20 -8.65
C GLY D 243 -14.05 6.06 -9.12
N GLY D 244 -13.27 5.45 -8.20
CA GLY D 244 -12.39 4.35 -8.59
C GLY D 244 -10.98 4.77 -9.04
N TRP D 245 -10.72 6.08 -9.20
CA TRP D 245 -9.40 6.61 -9.67
C TRP D 245 -8.31 6.26 -8.66
N ALA D 246 -8.68 6.20 -7.38
CA ALA D 246 -7.86 5.62 -6.29
C ALA D 246 -8.77 4.86 -5.33
C1 GOL E . -15.36 -12.98 8.44
O1 GOL E . -14.02 -12.91 7.96
C2 GOL E . -15.59 -14.15 9.36
O2 GOL E . -14.85 -15.28 8.91
C3 GOL E . -17.05 -14.50 9.53
O3 GOL E . -17.23 -15.85 9.97
C1 GOL F . 18.78 8.59 6.76
O1 GOL F . 17.53 9.11 6.33
C2 GOL F . 19.52 9.46 7.75
O2 GOL F . 18.72 10.51 8.29
C3 GOL F . 20.80 10.01 7.16
O3 GOL F . 21.46 10.88 8.06
C1 GOL G . -11.42 21.46 -0.83
O1 GOL G . -11.22 22.84 -1.04
C2 GOL G . -10.12 20.70 -0.65
O2 GOL G . -9.13 21.22 -1.55
C3 GOL G . -10.27 19.22 -0.90
O3 GOL G . -9.07 18.55 -0.61
#